data_6YGH
#
_entry.id   6YGH
#
_cell.length_a   1.00
_cell.length_b   1.00
_cell.length_c   1.00
_cell.angle_alpha   90.00
_cell.angle_beta   90.00
_cell.angle_gamma   90.00
#
_symmetry.space_group_name_H-M   'P 1'
#
_entity_poly.entity_id   1
_entity_poly.type   'polypeptide(L)'
_entity_poly.pdbx_seq_one_letter_code
;MDINASRALANVYDLPDDFFPKIDDLVRDAKDALEPYWKSDSIKKHVLIATHFVDLIEDFWQTTQGMHEIAESLRAVIPP
TTTPVPPGYLIQHEEAEEIPLGDLFKHQEERIVSFQPDYPITARIHAHLKAYAKINEESLDRARRLLWWHYNCLLWGEAQ
VTNYISRLRTWLSTPEKYRGRDAPTIEAITRPIQVAQGGRKTTTGTRKPRGLEPRRRKVKTTVVYGRRRSKSRERRAPTP
QRAGSPLPRSSSSHHRSPSPRK
;
_entity_poly.pdbx_strand_id   E,H,A,B,C,D
#
# COMPACT_ATOMS: atom_id res chain seq x y z
N SER A 250 19.88 3.90 44.83
CA SER A 250 18.68 3.72 45.66
C SER A 250 17.50 3.29 44.80
N SER A 251 17.41 3.86 43.60
CA SER A 251 16.31 3.53 42.71
C SER A 251 16.46 2.11 42.17
N SER A 252 15.32 1.47 41.92
CA SER A 252 15.30 0.14 41.31
C SER A 252 15.65 0.30 39.84
N SER A 253 16.92 0.14 39.52
CA SER A 253 17.38 0.32 38.14
C SER A 253 16.79 -0.76 37.25
N HIS A 254 16.09 -0.34 36.20
CA HIS A 254 15.45 -1.29 35.30
C HIS A 254 16.50 -2.20 34.67
N HIS A 255 16.39 -3.50 34.94
CA HIS A 255 17.33 -4.46 34.38
C HIS A 255 17.36 -4.33 32.86
N ARG A 256 16.23 -4.60 32.21
CA ARG A 256 16.02 -4.21 30.83
C ARG A 256 15.41 -2.80 30.84
N SER A 257 14.92 -2.34 29.69
CA SER A 257 14.28 -1.03 29.65
C SER A 257 13.09 -0.93 30.61
N PRO A 258 12.18 -1.90 30.67
CA PRO A 258 11.07 -1.82 31.62
C PRO A 258 11.41 -2.38 33.00
N SER A 259 10.40 -2.37 33.87
CA SER A 259 10.51 -2.90 35.22
C SER A 259 10.30 -4.41 35.21
N PRO A 260 11.28 -5.21 35.60
CA PRO A 260 11.12 -6.67 35.58
C PRO A 260 10.50 -7.18 36.87
N ARG A 261 10.41 -8.51 36.98
CA ARG A 261 9.80 -9.15 38.12
C ARG A 261 10.72 -9.06 39.33
N LYS A 262 10.29 -9.69 40.42
CA LYS A 262 11.09 -9.74 41.64
C LYS A 262 11.96 -10.99 41.65
N SER B 250 23.19 26.42 -21.87
CA SER B 250 23.76 25.24 -22.50
C SER B 250 23.02 23.98 -22.05
N SER B 251 21.79 24.14 -21.60
CA SER B 251 20.99 23.02 -21.12
C SER B 251 20.32 22.31 -22.29
N SER B 252 19.65 21.21 -21.98
CA SER B 252 18.90 20.49 -23.00
C SER B 252 17.65 21.28 -23.38
N SER B 253 17.03 20.88 -24.48
CA SER B 253 15.88 21.60 -25.01
C SER B 253 14.60 21.20 -24.30
N HIS B 254 14.59 21.29 -22.97
CA HIS B 254 13.39 21.02 -22.18
C HIS B 254 12.48 22.23 -22.32
N HIS B 255 11.82 22.32 -23.48
CA HIS B 255 10.96 23.46 -23.76
C HIS B 255 9.96 23.66 -22.63
N ARG B 256 9.13 22.65 -22.37
CA ARG B 256 8.28 22.65 -21.18
C ARG B 256 9.11 22.14 -20.01
N SER B 257 8.48 22.00 -18.85
CA SER B 257 9.19 21.45 -17.70
C SER B 257 9.88 20.13 -18.00
N PRO B 258 9.29 19.19 -18.77
CA PRO B 258 10.01 17.95 -19.08
C PRO B 258 10.88 18.09 -20.31
N SER B 259 11.51 16.99 -20.70
CA SER B 259 12.35 17.00 -21.89
C SER B 259 11.62 16.39 -23.08
N PRO B 260 11.63 17.04 -24.24
CA PRO B 260 10.95 16.47 -25.41
C PRO B 260 11.86 15.56 -26.22
N ARG B 261 11.30 14.95 -27.25
CA ARG B 261 12.07 14.08 -28.13
C ARG B 261 13.27 14.83 -28.70
N LYS B 262 14.25 14.06 -29.16
CA LYS B 262 15.47 14.63 -29.74
C LYS B 262 15.15 15.45 -30.99
N MET C 1 4.23 6.19 51.44
CA MET C 1 4.51 7.24 52.45
C MET C 1 5.96 7.72 52.28
N ASP C 2 6.94 6.81 52.40
CA ASP C 2 8.35 7.11 52.23
C ASP C 2 8.82 6.60 50.88
N ILE C 3 9.66 7.41 50.19
CA ILE C 3 10.05 7.24 48.76
C ILE C 3 10.82 5.94 48.52
N ASN C 4 11.87 5.60 49.27
CA ASN C 4 12.62 4.38 48.97
C ASN C 4 11.76 3.15 49.15
N ALA C 5 11.02 3.08 50.25
CA ALA C 5 10.17 1.93 50.49
C ALA C 5 9.08 1.83 49.44
N SER C 6 8.46 2.96 49.07
CA SER C 6 7.41 2.99 48.02
C SER C 6 8.01 2.48 46.72
N ARG C 7 9.26 2.85 46.41
CA ARG C 7 9.90 2.43 45.19
C ARG C 7 10.23 0.95 45.21
N ALA C 8 10.51 0.40 46.39
CA ALA C 8 10.84 -1.01 46.52
C ALA C 8 9.62 -1.89 46.64
N LEU C 9 8.44 -1.32 46.93
CA LEU C 9 7.21 -2.09 46.96
C LEU C 9 6.55 -2.16 45.58
N ALA C 10 6.71 -1.12 44.77
CA ALA C 10 6.07 -1.06 43.48
C ALA C 10 6.69 -2.05 42.49
N ASN C 11 5.93 -3.07 42.13
CA ASN C 11 6.35 -4.01 41.10
C ASN C 11 5.09 -4.57 40.46
N VAL C 12 4.87 -4.18 39.20
CA VAL C 12 3.63 -4.47 38.49
C VAL C 12 3.18 -5.91 38.75
N TYR C 13 4.12 -6.84 38.69
CA TYR C 13 3.78 -8.25 38.82
C TYR C 13 3.21 -8.61 40.18
N ASP C 14 3.19 -7.68 41.13
CA ASP C 14 2.57 -7.92 42.43
C ASP C 14 1.06 -7.77 42.39
N LEU C 15 0.49 -7.39 41.26
CA LEU C 15 -0.95 -7.12 41.20
C LEU C 15 -1.74 -8.42 41.07
N PRO C 16 -3.04 -8.38 41.36
CA PRO C 16 -3.81 -9.63 41.48
C PRO C 16 -4.39 -10.14 40.17
N ASP C 17 -4.01 -9.55 39.05
CA ASP C 17 -4.44 -9.97 37.72
C ASP C 17 -5.92 -9.72 37.46
N ASP C 18 -6.61 -9.05 38.37
CA ASP C 18 -8.00 -8.66 38.17
C ASP C 18 -8.19 -7.16 38.17
N PHE C 19 -7.38 -6.42 38.93
CA PHE C 19 -7.45 -4.96 38.91
C PHE C 19 -7.15 -4.40 37.52
N PHE C 20 -6.56 -5.19 36.64
CA PHE C 20 -6.26 -4.71 35.31
C PHE C 20 -7.55 -4.52 34.51
N PRO C 21 -7.55 -3.61 33.55
CA PRO C 21 -8.74 -3.40 32.73
C PRO C 21 -8.89 -4.49 31.68
N LYS C 22 -9.94 -4.35 30.88
CA LYS C 22 -10.15 -5.27 29.78
C LYS C 22 -9.20 -4.94 28.63
N ILE C 23 -8.77 -5.99 27.94
CA ILE C 23 -7.68 -5.86 26.98
C ILE C 23 -8.05 -4.90 25.85
N ASP C 24 -9.29 -5.03 25.32
CA ASP C 24 -9.67 -4.19 24.19
C ASP C 24 -9.74 -2.72 24.58
N ASP C 25 -10.33 -2.43 25.74
CA ASP C 25 -10.40 -1.05 26.21
C ASP C 25 -9.00 -0.49 26.42
N LEU C 26 -8.11 -1.29 27.03
CA LEU C 26 -6.74 -0.84 27.23
C LEU C 26 -6.07 -0.51 25.91
N VAL C 27 -6.22 -1.39 24.92
CA VAL C 27 -5.57 -1.15 23.62
C VAL C 27 -6.13 0.09 22.96
N ARG C 28 -7.45 0.27 23.03
CA ARG C 28 -8.07 1.45 22.41
C ARG C 28 -7.54 2.72 23.06
N ASP C 29 -7.49 2.75 24.39
CA ASP C 29 -6.99 3.93 25.08
C ASP C 29 -5.53 4.20 24.74
N ALA C 30 -4.71 3.14 24.68
CA ALA C 30 -3.31 3.34 24.37
C ALA C 30 -3.13 3.87 22.95
N LYS C 31 -3.89 3.33 22.00
CA LYS C 31 -3.81 3.83 20.64
C LYS C 31 -4.19 5.31 20.57
N ASP C 32 -5.30 5.67 21.22
CA ASP C 32 -5.76 7.04 21.15
C ASP C 32 -4.80 7.99 21.84
N ALA C 33 -4.07 7.52 22.85
CA ALA C 33 -3.14 8.39 23.54
C ALA C 33 -1.78 8.47 22.83
N LEU C 34 -1.41 7.44 22.08
CA LEU C 34 -0.15 7.46 21.36
C LEU C 34 -0.25 8.13 20.00
N GLU C 35 -1.45 8.19 19.41
CA GLU C 35 -1.59 8.84 18.11
C GLU C 35 -0.86 10.17 18.01
N PRO C 36 -0.95 11.08 18.99
CA PRO C 36 -0.22 12.36 18.86
C PRO C 36 1.28 12.19 18.80
N TYR C 37 1.85 11.43 19.75
CA TYR C 37 3.29 11.21 19.70
C TYR C 37 3.69 10.43 18.46
N TRP C 38 2.82 9.54 17.97
CA TRP C 38 3.09 8.86 16.72
C TRP C 38 3.26 9.87 15.59
N LYS C 39 2.28 10.76 15.41
CA LYS C 39 2.37 11.73 14.33
C LYS C 39 3.53 12.69 14.53
N SER C 40 3.90 12.95 15.78
CA SER C 40 5.06 13.78 16.06
C SER C 40 6.37 13.03 15.86
N ASP C 41 6.32 11.70 15.73
CA ASP C 41 7.52 10.90 15.48
C ASP C 41 8.55 11.10 16.60
N SER C 42 8.10 10.88 17.83
CA SER C 42 8.97 11.02 18.98
C SER C 42 9.80 9.74 19.18
N ILE C 43 10.67 9.78 20.19
CA ILE C 43 11.58 8.68 20.46
C ILE C 43 11.51 8.32 21.93
N LYS C 44 10.45 8.76 22.61
CA LYS C 44 10.37 8.57 24.05
C LYS C 44 10.32 7.09 24.41
N LYS C 45 11.03 6.76 25.48
CA LYS C 45 11.11 5.38 25.96
C LYS C 45 9.73 4.75 26.06
N HIS C 46 8.85 5.38 26.83
CA HIS C 46 7.54 4.80 27.09
C HIS C 46 6.74 4.67 25.81
N VAL C 47 6.82 5.68 24.93
CA VAL C 47 6.09 5.62 23.67
C VAL C 47 6.52 4.41 22.86
N LEU C 48 7.84 4.25 22.69
CA LEU C 48 8.35 3.12 21.92
C LEU C 48 7.86 1.80 22.50
N ILE C 49 8.08 1.61 23.80
CA ILE C 49 7.77 0.31 24.40
C ILE C 49 6.27 0.04 24.31
N ALA C 50 5.46 1.07 24.54
CA ALA C 50 4.02 0.89 24.53
C ALA C 50 3.52 0.54 23.14
N THR C 51 4.02 1.22 22.10
CA THR C 51 3.56 0.91 20.77
C THR C 51 3.98 -0.50 20.36
N HIS C 52 5.20 -0.91 20.74
CA HIS C 52 5.61 -2.27 20.45
C HIS C 52 4.69 -3.28 21.11
N PHE C 53 4.42 -3.09 22.40
CA PHE C 53 3.57 -4.04 23.12
C PHE C 53 2.16 -4.04 22.56
N VAL C 54 1.67 -2.89 22.10
CA VAL C 54 0.33 -2.81 21.53
C VAL C 54 0.27 -3.61 20.24
N ASP C 55 1.27 -3.46 19.38
CA ASP C 55 1.33 -4.26 18.17
C ASP C 55 1.33 -5.74 18.51
N LEU C 56 2.19 -6.14 19.44
CA LEU C 56 2.24 -7.54 19.86
C LEU C 56 0.87 -8.04 20.28
N ILE C 57 0.23 -7.25 21.15
CA ILE C 57 -1.08 -7.55 21.81
C ILE C 57 -2.19 -7.74 20.77
N GLU C 58 -2.30 -6.84 19.78
CA GLU C 58 -3.38 -6.88 18.77
C GLU C 58 -3.15 -7.99 17.73
N ASP C 59 -1.94 -8.55 17.62
CA ASP C 59 -1.60 -9.60 16.63
C ASP C 59 -1.69 -11.01 17.23
N PHE C 60 -1.19 -11.23 18.45
CA PHE C 60 -1.08 -12.57 19.10
C PHE C 60 -2.35 -12.97 19.87
N TRP C 61 -2.88 -12.10 20.74
CA TRP C 61 -4.06 -12.37 21.62
C TRP C 61 -5.18 -13.10 20.84
N GLN C 62 -5.56 -12.58 19.68
CA GLN C 62 -6.64 -13.14 18.81
C GLN C 62 -6.36 -14.63 18.55
N THR C 63 -5.16 -14.96 18.07
CA THR C 63 -4.72 -16.35 17.74
C THR C 63 -4.64 -17.17 19.03
N THR C 64 -4.23 -16.55 20.13
CA THR C 64 -4.09 -17.19 21.47
C THR C 64 -5.46 -17.72 21.91
N GLN C 65 -6.45 -16.84 22.04
CA GLN C 65 -7.84 -17.18 22.43
C GLN C 65 -8.39 -18.19 21.44
N GLY C 66 -8.17 -17.97 20.14
CA GLY C 66 -8.60 -18.89 19.08
C GLY C 66 -8.12 -20.30 19.40
N MET C 67 -6.82 -20.44 19.70
CA MET C 67 -6.17 -21.72 20.06
C MET C 67 -6.92 -22.34 21.24
N HIS C 68 -7.21 -21.56 22.28
CA HIS C 68 -7.95 -22.04 23.45
C HIS C 68 -9.27 -22.67 23.04
N GLU C 69 -10.08 -21.93 22.28
CA GLU C 69 -11.40 -22.44 21.91
C GLU C 69 -11.29 -23.65 20.99
N ILE C 70 -10.24 -23.70 20.16
CA ILE C 70 -10.03 -24.85 19.30
C ILE C 70 -9.75 -26.10 20.13
N ALA C 71 -8.88 -25.98 21.11
CA ALA C 71 -8.61 -27.10 22.00
C ALA C 71 -9.87 -27.51 22.74
N GLU C 72 -10.70 -26.54 23.11
CA GLU C 72 -11.94 -26.88 23.80
C GLU C 72 -12.86 -27.68 22.89
N SER C 73 -12.97 -27.29 21.62
CA SER C 73 -13.80 -28.05 20.68
C SER C 73 -13.25 -29.46 20.49
N LEU C 74 -11.93 -29.59 20.36
CA LEU C 74 -11.34 -30.91 20.19
C LEU C 74 -11.59 -31.78 21.42
N ARG C 75 -11.56 -31.19 22.61
CA ARG C 75 -11.89 -31.96 23.81
C ARG C 75 -13.35 -32.35 23.82
N ALA C 76 -14.23 -31.47 23.31
CA ALA C 76 -15.64 -31.80 23.25
C ALA C 76 -15.91 -32.97 22.31
N VAL C 77 -15.11 -33.09 21.24
CA VAL C 77 -15.32 -34.18 20.29
C VAL C 77 -14.13 -35.13 20.31
N ILE C 78 -13.52 -35.29 21.48
CA ILE C 78 -12.49 -36.29 21.71
C ILE C 78 -13.19 -37.55 22.20
N PRO C 79 -12.52 -38.70 22.24
CA PRO C 79 -13.05 -39.80 23.04
C PRO C 79 -13.43 -39.30 24.43
N PRO C 80 -14.72 -39.31 24.78
CA PRO C 80 -15.16 -38.51 25.94
C PRO C 80 -14.50 -38.91 27.23
N THR C 81 -14.58 -40.19 27.61
CA THR C 81 -14.05 -40.65 28.89
C THR C 81 -12.66 -41.25 28.76
N THR C 82 -12.41 -42.00 27.70
CA THR C 82 -11.13 -42.68 27.55
C THR C 82 -10.02 -41.68 27.26
N THR C 83 -8.79 -42.15 27.38
CA THR C 83 -7.60 -41.34 27.15
C THR C 83 -7.56 -40.16 28.11
N PRO C 84 -7.36 -40.39 29.40
CA PRO C 84 -7.22 -39.28 30.33
C PRO C 84 -6.06 -38.38 29.96
N VAL C 85 -6.25 -37.09 30.17
CA VAL C 85 -5.26 -36.07 29.78
C VAL C 85 -4.01 -36.23 30.64
N PRO C 86 -2.84 -35.87 30.14
CA PRO C 86 -1.61 -36.00 30.94
C PRO C 86 -1.43 -34.83 31.88
N PRO C 87 -1.36 -35.07 33.19
CA PRO C 87 -1.19 -33.96 34.14
C PRO C 87 0.25 -33.50 34.31
N GLY C 88 0.52 -32.24 33.97
CA GLY C 88 1.78 -31.61 34.26
C GLY C 88 2.93 -31.99 33.36
N TYR C 89 2.86 -33.12 32.66
CA TYR C 89 3.93 -33.49 31.74
C TYR C 89 4.16 -32.39 30.71
N LEU C 90 3.10 -31.68 30.33
CA LEU C 90 3.23 -30.60 29.36
C LEU C 90 4.28 -29.59 29.80
N ILE C 91 4.99 -29.04 28.84
CA ILE C 91 6.11 -28.15 29.13
C ILE C 91 5.63 -26.71 29.19
N GLN C 92 6.23 -25.93 30.09
CA GLN C 92 5.92 -24.53 30.24
C GLN C 92 7.02 -23.67 29.61
N HIS C 93 6.89 -22.35 29.76
CA HIS C 93 7.83 -21.43 29.13
C HIS C 93 9.24 -21.63 29.68
N GLU C 94 9.35 -21.91 30.98
CA GLU C 94 10.66 -22.06 31.60
C GLU C 94 11.49 -23.13 30.88
N GLU C 95 10.83 -24.19 30.42
CA GLU C 95 11.53 -25.21 29.66
C GLU C 95 11.60 -24.85 28.18
N ALA C 96 10.51 -24.31 27.63
CA ALA C 96 10.45 -24.05 26.20
C ALA C 96 11.54 -23.08 25.76
N GLU C 97 11.94 -22.16 26.64
CA GLU C 97 12.99 -21.22 26.29
C GLU C 97 14.32 -21.92 26.03
N GLU C 98 14.48 -23.16 26.49
CA GLU C 98 15.73 -23.89 26.34
C GLU C 98 15.81 -24.63 25.01
N ILE C 99 14.70 -25.21 24.55
CA ILE C 99 14.74 -25.97 23.30
C ILE C 99 14.99 -25.02 22.14
N PRO C 100 15.70 -25.44 21.09
CA PRO C 100 15.85 -24.57 19.92
C PRO C 100 14.53 -24.07 19.39
N LEU C 101 14.56 -23.05 18.53
CA LEU C 101 13.36 -22.39 18.07
C LEU C 101 12.65 -23.14 16.95
N GLY C 102 13.09 -24.35 16.63
CA GLY C 102 12.50 -25.09 15.53
C GLY C 102 11.65 -26.28 15.94
N ASP C 103 12.07 -27.00 16.97
CA ASP C 103 11.60 -28.36 17.22
C ASP C 103 11.03 -28.52 18.62
N LEU C 104 10.16 -27.58 19.03
CA LEU C 104 9.40 -27.78 20.25
C LEU C 104 8.40 -28.91 20.09
N PHE C 105 7.82 -29.05 18.90
CA PHE C 105 6.81 -30.07 18.66
C PHE C 105 7.40 -31.47 18.85
N LYS C 106 8.66 -31.66 18.44
CA LYS C 106 9.28 -32.97 18.61
C LYS C 106 9.43 -33.31 20.08
N HIS C 107 9.87 -32.36 20.90
CA HIS C 107 10.03 -32.64 22.32
C HIS C 107 8.68 -32.86 22.99
N GLN C 108 7.64 -32.17 22.53
CA GLN C 108 6.31 -32.41 23.08
C GLN C 108 5.83 -33.82 22.74
N GLU C 109 6.04 -34.24 21.49
CA GLU C 109 5.72 -35.61 21.09
C GLU C 109 6.49 -36.61 21.94
N GLU C 110 7.76 -36.31 22.22
CA GLU C 110 8.56 -37.21 23.04
C GLU C 110 7.99 -37.32 24.45
N ARG C 111 7.62 -36.19 25.05
CA ARG C 111 7.00 -36.23 26.37
C ARG C 111 5.73 -37.07 26.35
N ILE C 112 4.90 -36.89 25.31
CA ILE C 112 3.62 -37.58 25.28
C ILE C 112 3.82 -39.09 25.11
N VAL C 113 4.69 -39.50 24.18
CA VAL C 113 4.94 -40.91 24.00
C VAL C 113 5.66 -41.51 25.19
N SER C 114 6.40 -40.70 25.96
CA SER C 114 7.04 -41.20 27.17
C SER C 114 5.99 -41.49 28.24
N PHE C 115 5.03 -40.58 28.41
CA PHE C 115 3.93 -40.87 29.32
C PHE C 115 3.13 -42.07 28.85
N GLN C 116 2.81 -42.13 27.56
CA GLN C 116 2.05 -43.24 26.99
C GLN C 116 2.36 -43.39 25.51
N PRO C 117 2.92 -44.52 25.07
CA PRO C 117 3.20 -44.70 23.63
C PRO C 117 1.98 -45.06 22.79
N ASP C 118 0.84 -45.38 23.41
CA ASP C 118 -0.39 -45.70 22.70
C ASP C 118 -1.38 -44.59 23.01
N TYR C 119 -1.26 -43.48 22.29
CA TYR C 119 -2.05 -42.29 22.55
C TYR C 119 -2.66 -41.79 21.25
N PRO C 120 -3.96 -41.47 21.25
CA PRO C 120 -4.60 -41.10 19.99
C PRO C 120 -4.11 -39.78 19.43
N ILE C 121 -4.21 -39.66 18.10
CA ILE C 121 -3.72 -38.49 17.39
C ILE C 121 -4.47 -37.23 17.85
N THR C 122 -5.79 -37.31 17.96
CA THR C 122 -6.57 -36.11 18.28
C THR C 122 -6.30 -35.63 19.70
N ALA C 123 -6.16 -36.55 20.65
CA ALA C 123 -5.77 -36.14 22.00
C ALA C 123 -4.37 -35.54 22.00
N ARG C 124 -3.46 -36.14 21.24
CA ARG C 124 -2.14 -35.57 21.03
C ARG C 124 -2.26 -34.10 20.62
N ILE C 125 -3.09 -33.83 19.60
CA ILE C 125 -3.24 -32.46 19.09
C ILE C 125 -3.81 -31.55 20.16
N HIS C 126 -4.86 -31.99 20.84
CA HIS C 126 -5.48 -31.17 21.86
C HIS C 126 -4.46 -30.79 22.94
N ALA C 127 -3.64 -31.75 23.36
CA ALA C 127 -2.64 -31.46 24.38
C ALA C 127 -1.61 -30.46 23.88
N HIS C 128 -1.10 -30.66 22.66
CA HIS C 128 -0.15 -29.72 22.10
C HIS C 128 -0.71 -28.31 22.10
N LEU C 129 -1.96 -28.18 21.65
CA LEU C 129 -2.59 -26.87 21.55
C LEU C 129 -2.76 -26.24 22.93
N LYS C 130 -3.18 -27.05 23.91
CA LYS C 130 -3.35 -26.52 25.26
C LYS C 130 -2.02 -26.00 25.81
N ALA C 131 -0.93 -26.73 25.58
CA ALA C 131 0.37 -26.29 26.07
C ALA C 131 0.79 -24.99 25.39
N TYR C 132 0.69 -24.93 24.06
CA TYR C 132 1.05 -23.70 23.35
C TYR C 132 0.22 -22.54 23.84
N ALA C 133 -1.06 -22.78 24.14
CA ALA C 133 -1.92 -21.73 24.64
C ALA C 133 -1.42 -21.22 25.98
N LYS C 134 -1.05 -22.14 26.87
CA LYS C 134 -0.52 -21.71 28.16
C LYS C 134 0.72 -20.83 27.99
N ILE C 135 1.62 -21.24 27.11
CA ILE C 135 2.83 -20.46 26.87
C ILE C 135 2.46 -19.04 26.43
N ASN C 136 1.72 -18.95 25.33
CA ASN C 136 1.38 -17.65 24.78
C ASN C 136 0.58 -16.82 25.78
N GLU C 137 -0.21 -17.47 26.63
CA GLU C 137 -1.03 -16.73 27.58
C GLU C 137 -0.16 -16.12 28.67
N GLU C 138 0.82 -16.86 29.17
CA GLU C 138 1.77 -16.28 30.11
C GLU C 138 2.45 -15.07 29.51
N SER C 139 2.99 -15.24 28.30
CA SER C 139 3.69 -14.13 27.67
C SER C 139 2.79 -12.93 27.47
N LEU C 140 1.54 -13.17 27.07
CA LEU C 140 0.63 -12.07 26.80
C LEU C 140 0.18 -11.39 28.07
N ASP C 141 0.08 -12.12 29.17
CA ASP C 141 -0.20 -11.48 30.46
C ASP C 141 0.93 -10.53 30.83
N ARG C 142 2.17 -10.99 30.70
CA ARG C 142 3.30 -10.09 30.94
C ARG C 142 3.19 -8.86 30.06
N ALA C 143 2.90 -9.06 28.77
CA ALA C 143 2.83 -7.93 27.85
C ALA C 143 1.74 -6.95 28.25
N ARG C 144 0.57 -7.47 28.65
CA ARG C 144 -0.52 -6.59 29.07
C ARG C 144 -0.13 -5.77 30.28
N ARG C 145 0.52 -6.40 31.26
CA ARG C 145 0.90 -5.66 32.45
C ARG C 145 1.92 -4.57 32.12
N LEU C 146 2.90 -4.88 31.28
CA LEU C 146 3.87 -3.86 30.88
C LEU C 146 3.23 -2.74 30.08
N LEU C 147 2.26 -3.07 29.23
CA LEU C 147 1.58 -2.03 28.46
C LEU C 147 0.83 -1.09 29.38
N TRP C 148 0.06 -1.64 30.32
CA TRP C 148 -0.66 -0.80 31.27
C TRP C 148 0.31 0.09 32.04
N TRP C 149 1.41 -0.51 32.49
CA TRP C 149 2.41 0.25 33.23
C TRP C 149 2.90 1.45 32.42
N HIS C 150 3.40 1.19 31.21
CA HIS C 150 4.02 2.26 30.44
C HIS C 150 2.99 3.29 29.99
N TYR C 151 1.77 2.84 29.70
CA TYR C 151 0.71 3.77 29.33
C TYR C 151 0.44 4.76 30.47
N ASN C 152 0.20 4.24 31.67
CA ASN C 152 -0.10 5.14 32.78
C ASN C 152 1.11 5.98 33.14
N CYS C 153 2.32 5.44 32.98
CA CYS C 153 3.51 6.25 33.24
C CYS C 153 3.60 7.41 32.26
N LEU C 154 3.39 7.14 30.98
CA LEU C 154 3.37 8.22 30.00
C LEU C 154 2.32 9.26 30.35
N LEU C 155 1.13 8.80 30.75
CA LEU C 155 0.06 9.74 31.06
C LEU C 155 0.42 10.65 32.22
N TRP C 156 0.76 10.05 33.37
CA TRP C 156 0.91 10.79 34.61
C TRP C 156 2.37 11.04 34.99
N GLY C 157 3.17 9.99 35.07
CA GLY C 157 4.54 10.09 35.55
C GLY C 157 4.90 8.86 36.36
N GLU C 158 6.19 8.40 36.40
CA GLU C 158 6.67 7.19 37.11
C GLU C 158 6.64 7.45 38.62
N ALA C 159 7.05 8.64 39.04
CA ALA C 159 7.10 9.07 40.46
C ALA C 159 5.69 8.95 41.07
N GLN C 160 4.67 9.38 40.32
CA GLN C 160 3.25 9.38 40.74
C GLN C 160 2.68 7.96 40.69
N VAL C 161 2.87 7.24 39.57
CA VAL C 161 2.35 5.87 39.35
C VAL C 161 2.92 4.90 40.40
N THR C 162 4.21 5.02 40.72
CA THR C 162 4.91 4.14 41.72
C THR C 162 4.28 4.36 43.09
N ASN C 163 4.20 5.62 43.54
CA ASN C 163 3.62 6.03 44.84
C ASN C 163 2.18 5.51 44.91
N TYR C 164 1.42 5.70 43.82
CA TYR C 164 0.01 5.29 43.66
C TYR C 164 -0.12 3.78 43.88
N ILE C 165 0.65 2.97 43.14
CA ILE C 165 0.66 1.49 43.21
C ILE C 165 0.99 1.07 44.64
N SER C 166 1.98 1.72 45.26
CA SER C 166 2.43 1.47 46.65
C SER C 166 1.22 1.57 47.59
N ARG C 167 0.43 2.63 47.44
CA ARG C 167 -0.80 2.90 48.24
C ARG C 167 -1.85 1.82 47.94
N LEU C 168 -1.99 1.43 46.67
CA LEU C 168 -2.92 0.40 46.25
C LEU C 168 -2.65 -0.92 46.95
N ARG C 169 -1.38 -1.32 47.00
CA ARG C 169 -1.05 -2.56 47.70
C ARG C 169 -1.29 -2.43 49.19
N THR C 170 -0.83 -1.34 49.79
CA THR C 170 -1.05 -1.13 51.22
C THR C 170 -2.51 -1.03 51.58
N TRP C 171 -3.38 -0.82 50.59
CA TRP C 171 -4.81 -0.81 50.81
C TRP C 171 -5.44 -2.17 50.56
N LEU C 172 -4.90 -2.92 49.61
CA LEU C 172 -5.34 -4.31 49.43
C LEU C 172 -5.01 -5.16 50.65
N SER C 173 -3.90 -4.87 51.31
CA SER C 173 -3.53 -5.66 52.47
C SER C 173 -4.47 -5.42 53.65
N THR C 174 -4.94 -4.19 53.81
CA THR C 174 -5.80 -3.87 54.92
C THR C 174 -7.11 -4.66 54.83
N PRO C 175 -7.79 -4.83 55.96
CA PRO C 175 -9.08 -5.52 55.92
C PRO C 175 -10.17 -4.65 55.32
N GLU C 176 -11.19 -5.31 54.77
CA GLU C 176 -12.25 -4.61 54.06
C GLU C 176 -12.99 -3.64 54.98
N LYS C 177 -13.04 -3.94 56.28
CA LYS C 177 -13.79 -3.09 57.19
C LYS C 177 -13.08 -1.76 57.40
N TYR C 178 -11.81 -1.80 57.78
CA TYR C 178 -11.08 -0.59 58.11
C TYR C 178 -10.40 0.06 56.91
N ARG C 179 -10.51 -0.53 55.73
CA ARG C 179 -9.99 0.15 54.55
C ARG C 179 -11.04 1.11 54.03
N GLY C 180 -10.62 1.98 53.12
CA GLY C 180 -11.56 2.86 52.47
C GLY C 180 -12.49 2.11 51.54
N ARG C 181 -13.73 2.60 51.47
CA ARG C 181 -14.68 2.04 50.51
C ARG C 181 -14.07 1.88 49.14
N ASP C 182 -13.22 2.83 48.73
CA ASP C 182 -12.68 2.88 47.40
C ASP C 182 -11.16 2.76 47.45
N ALA C 183 -10.59 2.22 46.39
CA ALA C 183 -9.15 2.17 46.27
C ALA C 183 -8.64 3.53 45.78
N PRO C 184 -7.41 3.89 46.11
CA PRO C 184 -6.89 5.20 45.70
C PRO C 184 -6.80 5.31 44.19
N THR C 185 -6.42 6.51 43.76
CA THR C 185 -6.26 6.83 42.35
C THR C 185 -5.01 7.64 42.16
N ILE C 186 -4.63 7.82 40.90
CA ILE C 186 -3.50 8.66 40.55
C ILE C 186 -3.91 10.13 40.69
N GLU C 187 -2.94 10.98 41.00
CA GLU C 187 -3.18 12.40 41.19
C GLU C 187 -4.21 12.63 42.30
N ALA C 188 -3.86 12.17 43.50
CA ALA C 188 -4.71 12.32 44.67
C ALA C 188 -4.19 13.43 45.57
N ASP D 2 13.09 10.32 10.64
CA ASP D 2 13.73 10.82 9.44
C ASP D 2 13.10 10.21 8.19
N ILE D 3 12.97 11.02 7.13
CA ILE D 3 12.41 10.51 5.89
C ILE D 3 13.31 9.42 5.31
N ASN D 4 14.63 9.57 5.47
CA ASN D 4 15.53 8.52 5.03
C ASN D 4 15.37 7.26 5.87
N ALA D 5 15.10 7.42 7.16
CA ALA D 5 14.84 6.25 8.00
C ALA D 5 13.56 5.54 7.57
N SER D 6 12.53 6.30 7.21
CA SER D 6 11.30 5.69 6.71
C SER D 6 11.54 4.97 5.39
N ARG D 7 12.34 5.59 4.50
CA ARG D 7 12.71 4.94 3.26
C ARG D 7 13.43 3.62 3.54
N ALA D 8 14.35 3.62 4.51
CA ALA D 8 15.08 2.40 4.85
C ALA D 8 14.14 1.34 5.43
N LEU D 9 13.18 1.75 6.25
CA LEU D 9 12.21 0.80 6.79
C LEU D 9 11.39 0.17 5.68
N ALA D 10 10.93 0.98 4.73
CA ALA D 10 10.20 0.42 3.60
C ALA D 10 11.08 -0.53 2.80
N ASN D 11 12.34 -0.15 2.58
CA ASN D 11 13.26 -1.02 1.85
C ASN D 11 13.41 -2.35 2.56
N VAL D 12 13.58 -2.32 3.89
CA VAL D 12 13.68 -3.55 4.66
C VAL D 12 12.42 -4.39 4.46
N TYR D 13 11.25 -3.77 4.60
CA TYR D 13 10.01 -4.48 4.37
C TYR D 13 9.93 -5.07 2.97
N ASP D 14 10.69 -4.51 2.02
CA ASP D 14 10.73 -4.99 0.64
C ASP D 14 12.09 -5.64 0.41
N LEU D 15 12.17 -6.94 0.67
CA LEU D 15 13.40 -7.70 0.49
C LEU D 15 13.04 -9.14 0.18
N PRO D 16 13.98 -9.92 -0.34
CA PRO D 16 13.64 -11.27 -0.84
C PRO D 16 13.31 -12.28 0.23
N ASP D 17 13.49 -11.95 1.51
CA ASP D 17 13.14 -12.84 2.62
C ASP D 17 14.13 -13.99 2.77
N ASP D 18 15.10 -14.09 1.88
CA ASP D 18 16.21 -15.03 2.05
C ASP D 18 17.51 -14.34 2.38
N PHE D 19 17.57 -13.02 2.20
CA PHE D 19 18.78 -12.27 2.55
C PHE D 19 19.01 -12.26 4.04
N PHE D 20 17.96 -12.34 4.83
CA PHE D 20 18.10 -12.32 6.27
C PHE D 20 18.64 -13.67 6.76
N PRO D 21 19.40 -13.67 7.85
CA PRO D 21 19.93 -14.92 8.39
C PRO D 21 18.86 -15.69 9.14
N LYS D 22 19.24 -16.88 9.59
CA LYS D 22 18.31 -17.75 10.30
C LYS D 22 18.02 -17.21 11.69
N ILE D 23 16.78 -17.45 12.13
CA ILE D 23 16.32 -16.94 13.42
C ILE D 23 17.27 -17.33 14.54
N ASP D 24 17.74 -18.58 14.51
CA ASP D 24 18.56 -19.07 15.62
C ASP D 24 19.81 -18.22 15.81
N ASP D 25 20.62 -18.11 14.75
CA ASP D 25 21.85 -17.35 14.87
C ASP D 25 21.58 -15.86 15.05
N LEU D 26 20.53 -15.35 14.43
CA LEU D 26 20.18 -13.95 14.61
C LEU D 26 19.94 -13.63 16.07
N VAL D 27 19.10 -14.42 16.74
CA VAL D 27 18.84 -14.20 18.15
C VAL D 27 20.09 -14.43 18.97
N ARG D 28 20.87 -15.45 18.61
CA ARG D 28 22.11 -15.73 19.30
C ARG D 28 22.98 -14.48 19.39
N ASP D 29 23.36 -13.94 18.24
CA ASP D 29 24.27 -12.81 18.25
C ASP D 29 23.60 -11.54 18.75
N ALA D 30 22.28 -11.40 18.57
CA ALA D 30 21.60 -10.24 19.13
C ALA D 30 21.74 -10.21 20.64
N LYS D 31 21.41 -11.32 21.30
CA LYS D 31 21.58 -11.38 22.74
C LYS D 31 23.04 -11.19 23.13
N ASP D 32 23.96 -11.81 22.38
CA ASP D 32 25.36 -11.76 22.76
C ASP D 32 25.91 -10.35 22.64
N ALA D 33 25.29 -9.51 21.82
CA ALA D 33 25.71 -8.12 21.70
C ALA D 33 24.87 -7.15 22.53
N LEU D 34 23.71 -7.58 23.02
CA LEU D 34 22.87 -6.71 23.82
C LEU D 34 23.08 -6.85 25.32
N GLU D 35 23.44 -8.05 25.79
CA GLU D 35 23.59 -8.32 27.21
C GLU D 35 24.27 -7.18 27.97
N PRO D 36 25.35 -6.61 27.44
CA PRO D 36 26.05 -5.57 28.20
C PRO D 36 25.23 -4.33 28.45
N TYR D 37 24.45 -3.89 27.46
CA TYR D 37 23.59 -2.73 27.67
C TYR D 37 22.53 -3.03 28.72
N TRP D 38 22.04 -4.27 28.75
CA TRP D 38 21.15 -4.67 29.84
C TRP D 38 21.83 -4.50 31.18
N LYS D 39 23.02 -5.09 31.33
CA LYS D 39 23.71 -5.03 32.61
C LYS D 39 24.11 -3.61 32.99
N SER D 40 24.23 -2.71 32.03
CA SER D 40 24.59 -1.32 32.29
C SER D 40 23.40 -0.39 32.37
N ASP D 41 22.20 -0.89 32.10
CA ASP D 41 20.97 -0.12 32.26
C ASP D 41 20.97 1.12 31.36
N SER D 42 20.99 0.87 30.06
CA SER D 42 20.89 1.93 29.06
C SER D 42 19.57 1.78 28.31
N ILE D 43 19.17 2.87 27.65
CA ILE D 43 17.84 2.96 27.07
C ILE D 43 17.90 3.39 25.61
N LYS D 44 19.02 3.16 24.94
CA LYS D 44 19.12 3.54 23.54
C LYS D 44 17.99 2.91 22.73
N LYS D 45 17.47 3.70 21.80
CA LYS D 45 16.28 3.30 21.03
C LYS D 45 16.47 1.93 20.40
N HIS D 46 17.61 1.72 19.74
CA HIS D 46 17.85 0.44 19.09
C HIS D 46 17.87 -0.70 20.10
N VAL D 47 18.47 -0.47 21.27
CA VAL D 47 18.51 -1.50 22.30
C VAL D 47 17.09 -1.87 22.72
N LEU D 48 16.28 -0.86 23.03
CA LEU D 48 14.89 -1.11 23.40
C LEU D 48 14.20 -1.99 22.37
N ILE D 49 14.19 -1.52 21.11
CA ILE D 49 13.42 -2.21 20.08
C ILE D 49 13.95 -3.63 19.90
N ALA D 50 15.27 -3.79 19.88
CA ALA D 50 15.86 -5.08 19.60
C ALA D 50 15.56 -6.08 20.71
N THR D 51 15.71 -5.66 21.97
CA THR D 51 15.46 -6.60 23.06
C THR D 51 13.99 -6.97 23.14
N HIS D 52 13.10 -6.01 22.87
CA HIS D 52 11.68 -6.34 22.88
C HIS D 52 11.34 -7.34 21.77
N PHE D 53 11.87 -7.11 20.56
CA PHE D 53 11.61 -8.04 19.47
C PHE D 53 12.20 -9.40 19.74
N VAL D 54 13.37 -9.45 20.40
CA VAL D 54 13.97 -10.73 20.74
C VAL D 54 13.09 -11.49 21.73
N ASP D 55 12.58 -10.80 22.74
CA ASP D 55 11.64 -11.44 23.66
C ASP D 55 10.44 -12.00 22.89
N LEU D 56 9.86 -11.19 22.01
CA LEU D 56 8.72 -11.63 21.22
C LEU D 56 9.04 -12.92 20.46
N ILE D 57 10.13 -12.91 19.72
CA ILE D 57 10.48 -14.07 18.89
C ILE D 57 10.69 -15.29 19.77
N GLU D 58 11.57 -15.17 20.77
CA GLU D 58 11.84 -16.29 21.66
C GLU D 58 10.57 -16.83 22.29
N ASP D 59 9.55 -15.99 22.42
CA ASP D 59 8.32 -16.43 23.07
C ASP D 59 7.31 -17.04 22.12
N PHE D 60 7.35 -16.72 20.83
CA PHE D 60 6.27 -17.15 19.93
C PHE D 60 6.69 -17.96 18.71
N TRP D 61 7.96 -17.91 18.28
CA TRP D 61 8.34 -18.64 17.07
C TRP D 61 8.16 -20.14 17.26
N GLN D 62 8.53 -20.66 18.44
CA GLN D 62 8.38 -22.08 18.71
C GLN D 62 6.92 -22.49 18.57
N THR D 63 6.01 -21.74 19.19
CA THR D 63 4.60 -22.07 19.14
C THR D 63 4.08 -22.01 17.71
N THR D 64 4.53 -21.03 16.94
CA THR D 64 4.07 -20.91 15.55
C THR D 64 4.48 -22.14 14.73
N GLN D 65 5.75 -22.53 14.85
CA GLN D 65 6.22 -23.70 14.09
C GLN D 65 5.51 -24.96 14.56
N GLY D 66 5.31 -25.10 15.86
CA GLY D 66 4.55 -26.23 16.36
C GLY D 66 3.14 -26.27 15.80
N MET D 67 2.53 -25.10 15.66
CA MET D 67 1.20 -25.04 15.07
C MET D 67 1.21 -25.50 13.63
N HIS D 68 2.19 -25.06 12.85
CA HIS D 68 2.31 -25.53 11.47
C HIS D 68 2.44 -27.05 11.43
N GLU D 69 3.29 -27.61 12.27
CA GLU D 69 3.48 -29.06 12.27
C GLU D 69 2.22 -29.79 12.71
N ILE D 70 1.47 -29.20 13.65
CA ILE D 70 0.21 -29.82 14.06
C ILE D 70 -0.79 -29.81 12.92
N ALA D 71 -0.80 -28.74 12.13
CA ALA D 71 -1.68 -28.71 10.96
C ALA D 71 -1.30 -29.82 9.98
N GLU D 72 0.00 -29.96 9.71
CA GLU D 72 0.44 -31.01 8.79
C GLU D 72 0.16 -32.39 9.34
N SER D 73 0.10 -32.53 10.67
CA SER D 73 -0.23 -33.83 11.26
C SER D 73 -1.72 -34.11 11.20
N LEU D 74 -2.56 -33.08 11.34
CA LEU D 74 -4.00 -33.27 11.19
C LEU D 74 -4.38 -33.57 9.75
N ARG D 75 -3.60 -33.05 8.79
CA ARG D 75 -3.85 -33.39 7.39
C ARG D 75 -3.73 -34.88 7.15
N ALA D 76 -3.12 -35.62 8.08
CA ALA D 76 -3.02 -37.07 7.96
C ALA D 76 -4.26 -37.80 8.46
N VAL D 77 -5.12 -37.11 9.20
CA VAL D 77 -6.36 -37.71 9.69
C VAL D 77 -7.59 -37.11 9.02
N ILE D 78 -7.46 -35.96 8.36
CA ILE D 78 -8.61 -35.38 7.67
C ILE D 78 -9.21 -36.43 6.73
N PRO D 79 -10.54 -36.54 6.64
CA PRO D 79 -11.12 -37.45 5.66
C PRO D 79 -10.64 -37.13 4.26
N PRO D 80 -10.35 -38.14 3.45
CA PRO D 80 -9.76 -37.88 2.13
C PRO D 80 -10.71 -37.08 1.24
N THR D 81 -10.12 -36.40 0.26
CA THR D 81 -10.84 -35.63 -0.75
C THR D 81 -12.04 -34.89 -0.15
N THR D 82 -11.74 -34.08 0.86
CA THR D 82 -12.74 -33.26 1.54
C THR D 82 -12.76 -31.83 1.03
N THR D 83 -12.05 -31.54 -0.07
CA THR D 83 -12.04 -30.21 -0.66
C THR D 83 -11.54 -29.18 0.36
N PRO D 84 -10.26 -29.17 0.67
CA PRO D 84 -9.73 -28.15 1.59
C PRO D 84 -10.25 -26.77 1.25
N VAL D 85 -10.58 -26.01 2.30
CA VAL D 85 -11.22 -24.70 2.15
C VAL D 85 -10.37 -23.81 1.25
N PRO D 86 -10.98 -23.03 0.37
CA PRO D 86 -10.20 -22.12 -0.47
C PRO D 86 -9.95 -20.81 0.24
N PRO D 87 -8.96 -20.04 -0.20
CA PRO D 87 -8.76 -18.71 0.37
C PRO D 87 -9.94 -17.80 0.10
N GLY D 88 -9.92 -16.64 0.75
CA GLY D 88 -11.05 -15.74 0.78
C GLY D 88 -12.02 -16.05 1.91
N TYR D 89 -12.12 -17.32 2.29
CA TYR D 89 -12.82 -17.74 3.49
C TYR D 89 -11.87 -17.94 4.66
N LEU D 90 -10.65 -17.42 4.56
CA LEU D 90 -9.66 -17.50 5.62
C LEU D 90 -9.26 -16.09 6.00
N ILE D 91 -9.49 -15.73 7.26
CA ILE D 91 -9.31 -14.35 7.69
C ILE D 91 -7.83 -14.00 7.67
N GLN D 92 -7.52 -12.84 7.11
CA GLN D 92 -6.15 -12.38 6.98
C GLN D 92 -5.85 -11.31 8.04
N HIS D 93 -4.68 -10.68 7.92
CA HIS D 93 -4.18 -9.83 8.98
C HIS D 93 -5.00 -8.56 9.13
N GLU D 94 -5.39 -7.93 8.02
CA GLU D 94 -6.15 -6.69 8.11
C GLU D 94 -7.54 -6.93 8.68
N GLU D 95 -8.18 -8.02 8.28
CA GLU D 95 -9.48 -8.35 8.86
C GLU D 95 -9.36 -8.70 10.33
N ALA D 96 -8.27 -9.39 10.69
CA ALA D 96 -7.97 -9.77 12.09
C ALA D 96 -7.78 -8.48 12.89
N GLU D 97 -7.19 -7.45 12.25
CA GLU D 97 -6.91 -6.13 12.86
C GLU D 97 -8.19 -5.33 13.06
N GLU D 98 -9.14 -5.40 12.11
CA GLU D 98 -10.38 -4.62 12.18
C GLU D 98 -11.43 -5.29 13.06
N ILE D 99 -11.49 -6.62 13.03
CA ILE D 99 -12.45 -7.43 13.84
C ILE D 99 -12.07 -7.25 15.31
N PRO D 100 -13.01 -7.13 16.28
CA PRO D 100 -12.66 -7.01 17.70
C PRO D 100 -11.56 -7.97 18.21
N LEU D 101 -10.73 -7.51 19.16
CA LEU D 101 -9.57 -8.26 19.74
C LEU D 101 -9.95 -9.71 20.09
N GLY D 102 -11.10 -9.94 20.73
CA GLY D 102 -11.55 -11.30 21.09
C GLY D 102 -12.62 -11.83 20.15
N ASP D 103 -12.86 -13.15 20.19
CA ASP D 103 -13.83 -13.95 19.45
C ASP D 103 -13.59 -13.88 17.94
N LEU D 104 -12.39 -14.37 17.56
CA LEU D 104 -11.94 -14.51 16.16
C LEU D 104 -12.33 -15.90 15.64
N PHE D 105 -12.38 -16.91 16.53
CA PHE D 105 -12.70 -18.27 16.13
C PHE D 105 -14.15 -18.37 15.64
N LYS D 106 -15.06 -17.60 16.25
CA LYS D 106 -16.45 -17.67 15.83
C LYS D 106 -16.64 -17.06 14.45
N HIS D 107 -15.94 -15.96 14.15
CA HIS D 107 -16.02 -15.38 12.82
C HIS D 107 -15.43 -16.33 11.78
N GLN D 108 -14.30 -16.96 12.10
CA GLN D 108 -13.74 -17.94 11.16
C GLN D 108 -14.70 -19.11 10.96
N GLU D 109 -15.38 -19.52 12.03
CA GLU D 109 -16.32 -20.64 11.93
C GLU D 109 -17.50 -20.28 11.05
N GLU D 110 -18.11 -19.12 11.29
CA GLU D 110 -19.24 -18.70 10.46
C GLU D 110 -18.81 -18.51 9.02
N ARG D 111 -17.57 -18.08 8.78
CA ARG D 111 -17.10 -17.93 7.41
C ARG D 111 -16.95 -19.28 6.72
N ILE D 112 -16.36 -20.27 7.41
CA ILE D 112 -16.18 -21.57 6.77
C ILE D 112 -17.52 -22.25 6.56
N VAL D 113 -18.48 -22.06 7.47
CA VAL D 113 -19.79 -22.66 7.26
C VAL D 113 -20.58 -21.93 6.18
N SER D 114 -20.34 -20.63 5.99
CA SER D 114 -20.92 -19.93 4.85
C SER D 114 -20.34 -20.45 3.54
N PHE D 115 -19.06 -20.83 3.56
CA PHE D 115 -18.48 -21.48 2.38
C PHE D 115 -19.12 -22.83 2.13
N GLN D 116 -19.13 -23.69 3.14
CA GLN D 116 -19.74 -25.01 3.07
C GLN D 116 -20.60 -25.20 4.31
N PRO D 117 -21.90 -25.49 4.18
CA PRO D 117 -22.76 -25.47 5.37
C PRO D 117 -22.32 -26.42 6.46
N ASP D 118 -22.00 -27.66 6.13
CA ASP D 118 -21.49 -28.64 7.09
C ASP D 118 -20.10 -29.05 6.67
N TYR D 119 -19.20 -29.14 7.65
CA TYR D 119 -17.78 -29.33 7.37
C TYR D 119 -17.14 -30.05 8.55
N PRO D 120 -16.36 -31.11 8.29
CA PRO D 120 -15.90 -31.95 9.40
C PRO D 120 -15.01 -31.20 10.38
N ILE D 121 -15.10 -31.62 11.65
CA ILE D 121 -14.35 -30.97 12.71
C ILE D 121 -12.87 -30.92 12.38
N THR D 122 -12.34 -32.01 11.82
CA THR D 122 -10.90 -32.10 11.60
C THR D 122 -10.45 -31.05 10.60
N ALA D 123 -11.15 -30.93 9.48
CA ALA D 123 -10.75 -29.94 8.50
C ALA D 123 -11.02 -28.53 8.99
N ARG D 124 -12.08 -28.33 9.78
CA ARG D 124 -12.26 -27.05 10.47
C ARG D 124 -11.01 -26.69 11.25
N ILE D 125 -10.54 -27.60 12.10
CA ILE D 125 -9.34 -27.35 12.90
C ILE D 125 -8.16 -27.03 12.00
N HIS D 126 -8.00 -27.81 10.93
CA HIS D 126 -6.87 -27.61 10.03
C HIS D 126 -6.87 -26.20 9.44
N ALA D 127 -8.04 -25.75 8.96
CA ALA D 127 -8.11 -24.41 8.37
C ALA D 127 -7.87 -23.34 9.41
N HIS D 128 -8.47 -23.49 10.59
CA HIS D 128 -8.24 -22.54 11.67
C HIS D 128 -6.76 -22.40 11.95
N LEU D 129 -6.07 -23.54 12.12
CA LEU D 129 -4.66 -23.51 12.43
C LEU D 129 -3.85 -22.88 11.31
N LYS D 130 -4.19 -23.19 10.05
CA LYS D 130 -3.45 -22.60 8.95
C LYS D 130 -3.57 -21.09 8.96
N ALA D 131 -4.78 -20.57 9.17
CA ALA D 131 -4.96 -19.12 9.18
C ALA D 131 -4.21 -18.47 10.33
N TYR D 132 -4.33 -19.04 11.54
CA TYR D 132 -3.64 -18.47 12.68
C TYR D 132 -2.13 -18.48 12.48
N ALA D 133 -1.59 -19.59 11.97
CA ALA D 133 -0.17 -19.67 11.72
C ALA D 133 0.26 -18.68 10.65
N LYS D 134 -0.60 -18.43 9.66
CA LYS D 134 -0.27 -17.44 8.65
C LYS D 134 -0.12 -16.06 9.28
N ILE D 135 -1.08 -15.69 10.13
CA ILE D 135 -1.00 -14.39 10.80
C ILE D 135 0.29 -14.30 11.63
N ASN D 136 0.51 -15.30 12.47
CA ASN D 136 1.70 -15.30 13.31
C ASN D 136 2.97 -15.22 12.48
N GLU D 137 3.00 -15.90 11.33
CA GLU D 137 4.20 -15.91 10.51
C GLU D 137 4.45 -14.55 9.88
N GLU D 138 3.37 -13.88 9.42
CA GLU D 138 3.53 -12.51 8.94
C GLU D 138 4.15 -11.63 10.01
N SER D 139 3.59 -11.69 11.23
CA SER D 139 4.09 -10.83 12.30
C SER D 139 5.54 -11.15 12.63
N LEU D 140 5.88 -12.44 12.70
CA LEU D 140 7.25 -12.82 13.05
C LEU D 140 8.22 -12.48 11.94
N ASP D 141 7.78 -12.48 10.68
CA ASP D 141 8.66 -12.05 9.60
C ASP D 141 8.96 -10.57 9.73
N ARG D 142 7.93 -9.76 9.97
CA ARG D 142 8.18 -8.34 10.24
C ARG D 142 9.15 -8.18 11.40
N ALA D 143 8.96 -8.97 12.46
CA ALA D 143 9.80 -8.83 13.64
C ALA D 143 11.25 -9.20 13.34
N ARG D 144 11.45 -10.28 12.61
CA ARG D 144 12.80 -10.69 12.23
C ARG D 144 13.49 -9.60 11.42
N ARG D 145 12.76 -9.03 10.46
CA ARG D 145 13.35 -7.97 9.65
C ARG D 145 13.76 -6.78 10.52
N LEU D 146 12.84 -6.31 11.36
CA LEU D 146 13.16 -5.17 12.22
C LEU D 146 14.31 -5.48 13.15
N LEU D 147 14.38 -6.71 13.65
CA LEU D 147 15.43 -7.09 14.58
C LEU D 147 16.78 -7.06 13.90
N TRP D 148 16.89 -7.68 12.73
CA TRP D 148 18.14 -7.62 11.99
C TRP D 148 18.53 -6.17 11.72
N TRP D 149 17.57 -5.37 11.28
CA TRP D 149 17.84 -3.97 11.01
C TRP D 149 18.46 -3.29 12.22
N HIS D 150 17.77 -3.34 13.36
CA HIS D 150 18.22 -2.60 14.53
C HIS D 150 19.51 -3.16 15.10
N TYR D 151 19.70 -4.48 15.05
CA TYR D 151 20.91 -5.08 15.59
C TYR D 151 22.12 -4.68 14.77
N ASN D 152 22.03 -4.81 13.45
CA ASN D 152 23.14 -4.39 12.62
C ASN D 152 23.35 -2.88 12.69
N CYS D 153 22.27 -2.11 12.87
CA CYS D 153 22.40 -0.68 13.06
C CYS D 153 23.19 -0.38 14.33
N LEU D 154 22.93 -1.14 15.38
CA LEU D 154 23.63 -0.93 16.64
C LEU D 154 25.10 -1.27 16.51
N LEU D 155 25.41 -2.37 15.83
CA LEU D 155 26.79 -2.82 15.76
C LEU D 155 27.62 -2.07 14.71
N TRP D 156 26.98 -1.44 13.71
CA TRP D 156 27.72 -0.81 12.62
C TRP D 156 27.13 0.53 12.24
N GLY D 157 26.55 1.26 13.19
CA GLY D 157 25.97 2.54 12.88
C GLY D 157 24.74 2.42 12.01
N GLU D 158 24.00 3.51 11.84
CA GLU D 158 22.79 3.52 11.04
C GLU D 158 23.05 3.95 9.60
N ALA D 159 23.95 4.91 9.42
CA ALA D 159 24.20 5.47 8.09
C ALA D 159 24.69 4.41 7.12
N GLN D 160 25.64 3.60 7.55
CA GLN D 160 26.22 2.60 6.66
C GLN D 160 25.18 1.55 6.29
N VAL D 161 24.38 1.11 7.26
CA VAL D 161 23.32 0.15 6.98
C VAL D 161 22.33 0.74 5.99
N THR D 162 21.99 2.02 6.15
CA THR D 162 21.04 2.63 5.23
C THR D 162 21.60 2.69 3.83
N ASN D 163 22.86 3.10 3.70
CA ASN D 163 23.50 3.14 2.38
C ASN D 163 23.46 1.76 1.74
N TYR D 164 23.86 0.74 2.49
CA TYR D 164 23.88 -0.61 1.94
C TYR D 164 22.50 -1.07 1.51
N ILE D 165 21.49 -0.83 2.36
CA ILE D 165 20.14 -1.27 2.04
C ILE D 165 19.64 -0.58 0.78
N SER D 166 19.87 0.72 0.66
CA SER D 166 19.43 1.43 -0.53
C SER D 166 20.12 0.88 -1.77
N ARG D 167 21.44 0.73 -1.70
CA ARG D 167 22.18 0.20 -2.84
C ARG D 167 21.65 -1.16 -3.26
N LEU D 168 21.39 -2.03 -2.29
CA LEU D 168 20.98 -3.39 -2.61
C LEU D 168 19.56 -3.44 -3.16
N ARG D 169 18.66 -2.63 -2.59
CA ARG D 169 17.30 -2.60 -3.11
C ARG D 169 17.28 -2.07 -4.53
N THR D 170 18.11 -1.06 -4.83
CA THR D 170 18.22 -0.61 -6.20
C THR D 170 18.76 -1.70 -7.10
N TRP D 171 19.83 -2.38 -6.66
CA TRP D 171 20.40 -3.47 -7.44
C TRP D 171 19.36 -4.54 -7.73
N LEU D 172 18.44 -4.76 -6.78
CA LEU D 172 17.41 -5.78 -6.97
C LEU D 172 16.28 -5.29 -7.87
N SER D 173 15.96 -4.00 -7.81
CA SER D 173 14.83 -3.46 -8.56
C SER D 173 15.21 -3.10 -9.99
N THR D 174 16.29 -3.67 -10.52
CA THR D 174 16.71 -3.44 -11.89
C THR D 174 16.59 -4.73 -12.70
N PRO D 175 16.25 -4.64 -14.00
CA PRO D 175 15.91 -5.84 -14.79
C PRO D 175 17.10 -6.66 -15.26
N GLU D 176 18.07 -6.87 -14.38
CA GLU D 176 19.11 -7.87 -14.60
C GLU D 176 20.06 -7.50 -15.73
N LYS D 177 19.79 -6.39 -16.43
CA LYS D 177 20.62 -5.98 -17.55
C LYS D 177 21.32 -4.65 -17.32
N TYR D 178 20.86 -3.84 -16.39
CA TYR D 178 21.46 -2.57 -16.03
C TYR D 178 21.82 -2.57 -14.56
N ARG D 179 22.31 -3.71 -14.08
CA ARG D 179 22.47 -4.01 -12.67
C ARG D 179 23.91 -4.26 -12.27
N GLY D 180 24.61 -5.11 -13.01
CA GLY D 180 25.93 -5.57 -12.65
C GLY D 180 26.00 -7.07 -12.73
N ARG D 181 27.02 -7.64 -12.10
CA ARG D 181 27.25 -9.12 -12.05
C ARG D 181 27.74 -9.54 -10.66
N ASP D 182 27.32 -8.84 -9.60
CA ASP D 182 27.69 -9.09 -8.18
C ASP D 182 26.89 -8.12 -7.30
N ALA D 183 26.06 -8.62 -6.37
CA ALA D 183 25.27 -7.76 -5.51
C ALA D 183 26.14 -7.15 -4.41
N PRO D 184 25.76 -5.98 -3.91
CA PRO D 184 26.55 -5.35 -2.83
C PRO D 184 26.59 -6.25 -1.60
N THR D 185 27.79 -6.41 -1.05
CA THR D 185 28.05 -7.36 0.01
C THR D 185 28.18 -6.65 1.36
N ILE D 186 27.95 -7.43 2.42
CA ILE D 186 27.87 -6.88 3.77
C ILE D 186 29.16 -6.23 4.21
N GLU D 187 30.28 -6.57 3.55
CA GLU D 187 31.54 -5.92 3.87
C GLU D 187 31.43 -4.40 3.83
N ALA D 188 30.49 -3.86 3.07
CA ALA D 188 30.28 -2.42 3.03
C ALA D 188 30.06 -1.86 4.43
N ILE D 189 29.10 -2.42 5.17
CA ILE D 189 28.89 -1.98 6.54
C ILE D 189 29.97 -2.53 7.46
N THR D 190 30.52 -3.70 7.15
CA THR D 190 31.60 -4.24 7.98
C THR D 190 32.70 -3.21 8.15
N ARG D 191 33.11 -2.56 7.06
CA ARG D 191 34.23 -1.64 7.11
C ARG D 191 33.81 -0.34 7.80
N PRO D 192 34.77 0.40 8.33
CA PRO D 192 34.47 1.74 8.85
C PRO D 192 34.45 2.76 7.72
N ILE D 193 34.28 4.02 8.10
CA ILE D 193 34.26 5.11 7.13
C ILE D 193 34.64 6.42 7.79
N ASP E 2 -5.18 29.67 -1.96
CA ASP E 2 -5.92 30.77 -1.37
C ASP E 2 -7.40 30.40 -1.21
N ILE E 3 -8.06 30.98 -0.22
CA ILE E 3 -9.42 30.58 0.10
C ILE E 3 -10.38 31.05 -0.98
N ASN E 4 -10.26 32.32 -1.40
CA ASN E 4 -11.12 32.81 -2.47
C ASN E 4 -10.87 32.03 -3.76
N ALA E 5 -9.62 31.70 -4.03
CA ALA E 5 -9.30 30.93 -5.23
C ALA E 5 -9.95 29.55 -5.18
N SER E 6 -9.89 28.89 -4.03
CA SER E 6 -10.51 27.57 -3.91
C SER E 6 -12.03 27.68 -4.04
N ARG E 7 -12.61 28.75 -3.51
CA ARG E 7 -14.04 28.99 -3.66
C ARG E 7 -14.40 29.09 -5.14
N ALA E 8 -13.68 29.93 -5.88
CA ALA E 8 -13.94 30.07 -7.30
C ALA E 8 -13.72 28.75 -8.02
N LEU E 9 -12.74 27.97 -7.58
CA LEU E 9 -12.44 26.71 -8.25
C LEU E 9 -13.58 25.72 -8.09
N ALA E 10 -14.11 25.61 -6.88
CA ALA E 10 -15.25 24.72 -6.67
C ALA E 10 -16.47 25.21 -7.44
N ASN E 11 -16.73 26.52 -7.40
CA ASN E 11 -17.88 27.05 -8.14
C ASN E 11 -17.73 26.82 -9.63
N VAL E 12 -16.49 26.78 -10.12
CA VAL E 12 -16.24 26.38 -11.50
C VAL E 12 -16.60 24.92 -11.70
N TYR E 13 -16.09 24.06 -10.83
CA TYR E 13 -16.42 22.64 -10.90
C TYR E 13 -17.92 22.43 -11.02
N ASP E 14 -18.70 23.26 -10.34
CA ASP E 14 -20.15 23.07 -10.30
C ASP E 14 -20.88 23.72 -11.48
N LEU E 15 -20.20 24.55 -12.26
CA LEU E 15 -20.85 25.38 -13.28
C LEU E 15 -21.71 24.55 -14.24
N PRO E 16 -22.65 25.19 -14.94
CA PRO E 16 -23.66 24.45 -15.70
C PRO E 16 -23.19 23.82 -17.00
N ASP E 17 -21.90 23.81 -17.28
CA ASP E 17 -21.30 23.09 -18.40
C ASP E 17 -21.64 23.70 -19.76
N ASP E 18 -22.45 24.74 -19.83
CA ASP E 18 -22.77 25.37 -21.10
C ASP E 18 -22.07 26.71 -21.31
N PHE E 19 -21.59 27.34 -20.25
CA PHE E 19 -20.82 28.57 -20.42
C PHE E 19 -19.38 28.29 -20.83
N PHE E 20 -18.91 27.05 -20.64
CA PHE E 20 -17.59 26.70 -21.12
C PHE E 20 -17.57 26.69 -22.64
N PRO E 21 -16.59 27.34 -23.27
CA PRO E 21 -16.59 27.45 -24.72
C PRO E 21 -16.36 26.10 -25.39
N LYS E 22 -16.49 26.11 -26.71
CA LYS E 22 -16.22 24.92 -27.50
C LYS E 22 -14.79 24.44 -27.25
N ILE E 23 -14.68 23.19 -26.81
CA ILE E 23 -13.39 22.63 -26.43
C ILE E 23 -12.35 22.83 -27.54
N ASP E 24 -12.77 22.71 -28.80
CA ASP E 24 -11.83 22.86 -29.89
C ASP E 24 -11.19 24.24 -29.89
N ASP E 25 -12.01 25.29 -29.86
CA ASP E 25 -11.48 26.65 -29.85
C ASP E 25 -10.73 26.95 -28.56
N LEU E 26 -11.20 26.39 -27.45
CA LEU E 26 -10.47 26.54 -26.19
C LEU E 26 -9.04 26.04 -26.34
N VAL E 27 -8.89 24.81 -26.81
CA VAL E 27 -7.56 24.22 -26.95
C VAL E 27 -6.73 25.00 -27.97
N ARG E 28 -7.35 25.41 -29.08
CA ARG E 28 -6.61 26.15 -30.09
C ARG E 28 -6.06 27.44 -29.52
N ASP E 29 -6.87 28.19 -28.80
CA ASP E 29 -6.41 29.43 -28.19
C ASP E 29 -5.40 29.19 -27.08
N ALA E 30 -5.54 28.09 -26.33
CA ALA E 30 -4.58 27.81 -25.27
C ALA E 30 -3.21 27.50 -25.83
N LYS E 31 -3.15 26.64 -26.85
CA LYS E 31 -1.86 26.30 -27.45
C LYS E 31 -1.39 27.35 -28.43
N ASP E 32 -2.19 28.38 -28.71
CA ASP E 32 -1.70 29.55 -29.42
C ASP E 32 -1.24 30.66 -28.49
N ALA E 33 -1.66 30.64 -27.22
CA ALA E 33 -1.26 31.65 -26.26
C ALA E 33 -0.20 31.17 -25.28
N LEU E 34 0.07 29.87 -25.21
CA LEU E 34 1.15 29.36 -24.40
C LEU E 34 2.43 29.14 -25.19
N GLU E 35 2.39 29.36 -26.50
CA GLU E 35 3.59 29.21 -27.31
C GLU E 35 4.73 30.12 -26.86
N PRO E 36 4.50 31.39 -26.52
CA PRO E 36 5.63 32.25 -26.13
C PRO E 36 6.30 31.77 -24.86
N TYR E 37 5.52 31.38 -23.85
CA TYR E 37 6.14 30.87 -22.63
C TYR E 37 6.85 29.56 -22.88
N TRP E 38 6.39 28.77 -23.85
CA TRP E 38 7.13 27.58 -24.24
C TRP E 38 8.49 27.95 -24.81
N LYS E 39 8.51 28.89 -25.76
CA LYS E 39 9.80 29.31 -26.33
C LYS E 39 10.71 29.90 -25.25
N SER E 40 10.13 30.56 -24.26
CA SER E 40 10.91 31.17 -23.20
C SER E 40 11.25 30.22 -22.06
N ASP E 41 10.73 28.99 -22.11
CA ASP E 41 11.02 27.95 -21.12
C ASP E 41 10.49 28.30 -19.74
N SER E 42 9.57 29.26 -19.64
CA SER E 42 9.04 29.64 -18.34
C SER E 42 8.32 28.46 -17.70
N ILE E 43 8.19 28.51 -16.38
CA ILE E 43 7.71 27.38 -15.60
C ILE E 43 6.59 27.79 -14.65
N LYS E 44 5.94 28.92 -14.94
CA LYS E 44 4.89 29.40 -14.06
C LYS E 44 3.84 28.32 -13.82
N LYS E 45 3.18 28.41 -12.67
CA LYS E 45 2.21 27.40 -12.27
C LYS E 45 1.13 27.22 -13.32
N HIS E 46 0.42 28.30 -13.65
CA HIS E 46 -0.69 28.20 -14.60
C HIS E 46 -0.19 27.67 -15.93
N VAL E 47 1.00 28.12 -16.35
CA VAL E 47 1.56 27.65 -17.61
C VAL E 47 1.72 26.15 -17.60
N LEU E 48 2.30 25.61 -16.52
CA LEU E 48 2.50 24.17 -16.42
C LEU E 48 1.17 23.43 -16.50
N ILE E 49 0.23 23.79 -15.62
CA ILE E 49 -1.03 23.07 -15.57
C ILE E 49 -1.73 23.13 -16.91
N ALA E 50 -1.70 24.30 -17.56
CA ALA E 50 -2.40 24.44 -18.82
C ALA E 50 -1.74 23.62 -19.93
N THR E 51 -0.41 23.72 -20.04
CA THR E 51 0.27 23.00 -21.11
C THR E 51 0.27 21.50 -20.88
N HIS E 52 -0.10 21.06 -19.68
CA HIS E 52 -0.25 19.63 -19.44
C HIS E 52 -1.66 19.13 -19.67
N PHE E 53 -2.67 19.85 -19.17
CA PHE E 53 -4.04 19.46 -19.45
C PHE E 53 -4.36 19.59 -20.93
N VAL E 54 -3.70 20.51 -21.64
CA VAL E 54 -3.89 20.63 -23.08
C VAL E 54 -3.42 19.36 -23.77
N ASP E 55 -2.22 18.90 -23.42
CA ASP E 55 -1.72 17.65 -23.99
C ASP E 55 -2.68 16.51 -23.68
N LEU E 56 -3.11 16.42 -22.42
CA LEU E 56 -4.02 15.36 -22.02
C LEU E 56 -5.27 15.35 -22.90
N ILE E 57 -5.92 16.50 -23.03
CA ILE E 57 -7.15 16.58 -23.82
C ILE E 57 -6.86 16.26 -25.27
N GLU E 58 -5.96 17.03 -25.89
CA GLU E 58 -5.62 16.83 -27.29
C GLU E 58 -5.20 15.41 -27.60
N ASP E 59 -4.88 14.61 -26.59
CA ASP E 59 -4.52 13.22 -26.81
C ASP E 59 -5.68 12.27 -26.58
N PHE E 60 -6.52 12.51 -25.58
CA PHE E 60 -7.50 11.52 -25.15
C PHE E 60 -8.96 11.89 -25.43
N TRP E 61 -9.23 13.03 -26.05
CA TRP E 61 -10.64 13.39 -26.28
C TRP E 61 -11.20 12.67 -27.49
N GLN E 62 -10.40 12.58 -28.56
CA GLN E 62 -10.87 11.97 -29.80
C GLN E 62 -11.20 10.50 -29.58
N THR E 63 -10.34 9.78 -28.86
CA THR E 63 -10.57 8.36 -28.64
C THR E 63 -11.80 8.13 -27.78
N THR E 64 -12.05 9.02 -26.82
CA THR E 64 -13.24 8.87 -25.98
C THR E 64 -14.51 9.09 -26.80
N GLN E 65 -14.53 10.14 -27.63
CA GLN E 65 -15.68 10.35 -28.50
C GLN E 65 -15.87 9.17 -29.44
N GLY E 66 -14.76 8.61 -29.93
CA GLY E 66 -14.84 7.43 -30.77
C GLY E 66 -15.45 6.24 -30.03
N MET E 67 -15.06 6.07 -28.76
CA MET E 67 -15.63 4.98 -27.97
C MET E 67 -17.13 5.16 -27.81
N HIS E 68 -17.57 6.40 -27.56
CA HIS E 68 -19.01 6.65 -27.45
C HIS E 68 -19.72 6.31 -28.76
N GLU E 69 -19.15 6.75 -29.90
CA GLU E 69 -19.76 6.44 -31.18
C GLU E 69 -19.82 4.93 -31.41
N ILE E 70 -18.76 4.22 -31.00
CA ILE E 70 -18.73 2.77 -31.16
C ILE E 70 -19.83 2.11 -30.34
N ALA E 71 -19.98 2.54 -29.09
CA ALA E 71 -21.04 1.97 -28.26
C ALA E 71 -22.41 2.25 -28.84
N GLU E 72 -22.61 3.44 -29.40
CA GLU E 72 -23.90 3.76 -29.98
C GLU E 72 -24.17 2.94 -31.24
N SER E 73 -23.12 2.64 -32.01
CA SER E 73 -23.30 1.79 -33.18
C SER E 73 -23.58 0.35 -32.76
N LEU E 74 -22.97 -0.08 -31.65
CA LEU E 74 -23.11 -1.46 -31.20
C LEU E 74 -24.47 -1.72 -30.59
N ARG E 75 -25.03 -0.73 -29.90
CA ARG E 75 -26.38 -0.87 -29.36
C ARG E 75 -27.37 -1.24 -30.44
N ALA E 76 -27.19 -0.73 -31.65
CA ALA E 76 -28.15 -0.99 -32.71
C ALA E 76 -28.05 -2.40 -33.25
N VAL E 77 -26.87 -3.02 -33.14
CA VAL E 77 -26.65 -4.33 -33.75
C VAL E 77 -26.74 -5.48 -32.74
N ILE E 78 -26.66 -5.21 -31.44
CA ILE E 78 -26.89 -6.27 -30.47
C ILE E 78 -28.29 -6.82 -30.70
N PRO E 79 -28.54 -8.09 -30.42
CA PRO E 79 -29.90 -8.61 -30.56
C PRO E 79 -30.85 -7.85 -29.66
N PRO E 80 -32.10 -7.66 -30.08
CA PRO E 80 -33.02 -6.83 -29.30
C PRO E 80 -33.39 -7.48 -27.98
N THR E 81 -34.08 -6.70 -27.16
CA THR E 81 -34.60 -7.13 -25.86
C THR E 81 -33.60 -8.01 -25.13
N THR E 82 -32.36 -7.55 -25.09
CA THR E 82 -31.28 -8.27 -24.44
C THR E 82 -31.08 -7.85 -22.99
N THR E 83 -32.06 -7.15 -22.41
CA THR E 83 -32.00 -6.77 -21.00
C THR E 83 -30.76 -5.94 -20.72
N PRO E 84 -30.73 -4.68 -21.15
CA PRO E 84 -29.55 -3.85 -20.93
C PRO E 84 -29.14 -3.84 -19.46
N VAL E 85 -27.83 -3.73 -19.19
CA VAL E 85 -27.24 -3.74 -17.82
C VAL E 85 -27.84 -2.57 -17.01
N PRO E 86 -28.30 -2.77 -15.75
CA PRO E 86 -28.86 -1.67 -14.97
C PRO E 86 -27.79 -0.64 -14.62
N PRO E 87 -28.12 0.67 -14.50
CA PRO E 87 -27.12 1.69 -14.18
C PRO E 87 -26.68 1.63 -12.71
N GLY E 88 -25.38 1.70 -12.42
CA GLY E 88 -24.82 1.65 -11.05
C GLY E 88 -24.14 0.33 -10.75
N TYR E 89 -24.38 -0.70 -11.58
CA TYR E 89 -23.80 -2.06 -11.42
C TYR E 89 -22.43 -2.14 -12.10
N LEU E 90 -22.17 -1.27 -13.08
CA LEU E 90 -20.89 -1.20 -13.84
C LEU E 90 -19.80 -0.61 -12.93
N ILE E 91 -18.53 -0.92 -13.20
CA ILE E 91 -17.37 -0.43 -12.40
C ILE E 91 -17.24 1.09 -12.64
N GLN E 92 -17.31 1.92 -11.60
CA GLN E 92 -17.20 3.36 -11.67
C GLN E 92 -15.81 3.81 -11.23
N HIS E 93 -15.62 5.13 -11.13
CA HIS E 93 -14.27 5.69 -10.98
C HIS E 93 -13.61 5.25 -9.68
N GLU E 94 -14.36 5.24 -8.57
CA GLU E 94 -13.74 5.00 -7.27
C GLU E 94 -13.25 3.56 -7.16
N GLU E 95 -14.16 2.59 -7.29
CA GLU E 95 -13.74 1.20 -7.29
C GLU E 95 -12.77 0.89 -8.41
N ALA E 96 -12.82 1.64 -9.51
CA ALA E 96 -11.86 1.43 -10.60
C ALA E 96 -10.45 1.77 -10.15
N GLU E 97 -10.24 3.00 -9.68
CA GLU E 97 -8.93 3.38 -9.18
C GLU E 97 -8.52 2.54 -7.99
N GLU E 98 -9.48 1.94 -7.28
CA GLU E 98 -9.14 0.96 -6.26
C GLU E 98 -8.54 -0.29 -6.89
N ILE E 99 -9.15 -0.78 -7.97
CA ILE E 99 -8.61 -1.93 -8.68
C ILE E 99 -7.17 -1.63 -9.09
N PRO E 100 -6.24 -2.58 -9.00
CA PRO E 100 -4.87 -2.32 -9.45
C PRO E 100 -4.81 -1.98 -10.93
N LEU E 101 -3.66 -1.46 -11.36
CA LEU E 101 -3.49 -1.08 -12.75
C LEU E 101 -3.63 -2.29 -13.65
N GLY E 102 -4.36 -2.11 -14.76
CA GLY E 102 -4.68 -3.25 -15.59
C GLY E 102 -5.67 -4.15 -14.89
N ASP E 103 -5.79 -5.37 -15.41
CA ASP E 103 -6.63 -6.43 -14.82
C ASP E 103 -8.00 -5.90 -14.43
N LEU E 104 -8.51 -4.93 -15.18
CA LEU E 104 -9.85 -4.40 -14.94
C LEU E 104 -10.88 -5.03 -15.86
N PHE E 105 -10.46 -5.48 -17.05
CA PHE E 105 -11.38 -6.16 -17.94
C PHE E 105 -11.94 -7.41 -17.29
N LYS E 106 -11.09 -8.17 -16.59
CA LYS E 106 -11.56 -9.38 -15.92
C LYS E 106 -12.56 -9.06 -14.82
N HIS E 107 -12.36 -7.95 -14.10
CA HIS E 107 -13.30 -7.57 -13.06
C HIS E 107 -14.63 -7.16 -13.65
N GLN E 108 -14.61 -6.37 -14.71
CA GLN E 108 -15.85 -6.01 -15.39
C GLN E 108 -16.56 -7.26 -15.91
N GLU E 109 -15.78 -8.23 -16.40
CA GLU E 109 -16.37 -9.45 -16.94
C GLU E 109 -17.04 -10.28 -15.85
N GLU E 110 -16.33 -10.50 -14.73
CA GLU E 110 -16.93 -11.27 -13.64
C GLU E 110 -18.14 -10.55 -13.09
N ARG E 111 -18.17 -9.21 -13.19
CA ARG E 111 -19.27 -8.35 -12.72
C ARG E 111 -20.50 -8.54 -13.62
N ILE E 112 -20.30 -8.46 -14.94
CA ILE E 112 -21.39 -8.60 -15.94
C ILE E 112 -21.92 -10.03 -15.91
N VAL E 113 -21.09 -11.04 -15.58
CA VAL E 113 -21.62 -12.40 -15.54
C VAL E 113 -22.33 -12.65 -14.21
N SER E 114 -21.92 -11.91 -13.16
CA SER E 114 -22.51 -11.98 -11.80
C SER E 114 -24.00 -11.56 -11.85
N PHE E 115 -24.33 -10.62 -12.73
CA PHE E 115 -25.69 -10.08 -12.94
C PHE E 115 -26.47 -10.97 -13.92
N GLN E 116 -25.80 -11.41 -14.99
CA GLN E 116 -26.37 -12.28 -16.04
C GLN E 116 -25.29 -13.22 -16.57
N PRO E 117 -25.12 -14.44 -16.01
CA PRO E 117 -24.10 -15.38 -16.50
C PRO E 117 -24.10 -15.56 -18.03
N ASP E 118 -25.29 -15.75 -18.61
CA ASP E 118 -25.48 -15.92 -20.05
C ASP E 118 -25.81 -14.57 -20.65
N TYR E 119 -24.78 -13.88 -21.16
CA TYR E 119 -24.94 -12.59 -21.78
C TYR E 119 -24.11 -12.55 -23.06
N PRO E 120 -24.68 -12.17 -24.19
CA PRO E 120 -23.90 -12.16 -25.44
C PRO E 120 -22.68 -11.27 -25.34
N ILE E 121 -21.61 -11.70 -26.02
CA ILE E 121 -20.38 -10.92 -26.02
C ILE E 121 -20.61 -9.57 -26.69
N THR E 122 -21.49 -9.52 -27.69
CA THR E 122 -21.74 -8.28 -28.41
C THR E 122 -22.33 -7.22 -27.48
N ALA E 123 -22.94 -7.63 -26.37
CA ALA E 123 -23.46 -6.68 -25.39
C ALA E 123 -22.54 -6.51 -24.20
N ARG E 124 -21.80 -7.56 -23.83
CA ARG E 124 -20.73 -7.38 -22.85
C ARG E 124 -19.79 -6.28 -23.30
N ILE E 125 -19.45 -6.28 -24.59
CA ILE E 125 -18.56 -5.24 -25.12
C ILE E 125 -19.21 -3.87 -25.00
N HIS E 126 -20.50 -3.77 -25.32
CA HIS E 126 -21.20 -2.49 -25.21
C HIS E 126 -21.11 -1.96 -23.78
N ALA E 127 -21.39 -2.83 -22.81
CA ALA E 127 -21.35 -2.39 -21.41
C ALA E 127 -19.94 -1.97 -21.01
N HIS E 128 -18.94 -2.74 -21.43
CA HIS E 128 -17.55 -2.40 -21.10
C HIS E 128 -17.19 -1.03 -21.66
N LEU E 129 -17.54 -0.80 -22.92
CA LEU E 129 -17.22 0.48 -23.55
C LEU E 129 -17.93 1.64 -22.85
N LYS E 130 -19.20 1.45 -22.50
CA LYS E 130 -19.92 2.49 -21.80
C LYS E 130 -19.24 2.81 -20.47
N ALA E 131 -18.88 1.77 -19.72
CA ALA E 131 -18.30 1.99 -18.39
C ALA E 131 -16.92 2.62 -18.48
N TYR E 132 -16.19 2.36 -19.57
CA TYR E 132 -14.89 2.99 -19.73
C TYR E 132 -15.03 4.45 -20.16
N ALA E 133 -15.91 4.70 -21.14
CA ALA E 133 -16.13 6.06 -21.61
C ALA E 133 -16.66 6.95 -20.50
N LYS E 134 -17.42 6.39 -19.55
CA LYS E 134 -17.89 7.20 -18.43
C LYS E 134 -16.71 7.79 -17.66
N ILE E 135 -15.76 6.94 -17.28
CA ILE E 135 -14.59 7.41 -16.53
C ILE E 135 -13.79 8.39 -17.38
N ASN E 136 -13.54 8.03 -18.63
CA ASN E 136 -12.77 8.91 -19.50
C ASN E 136 -13.42 10.29 -19.58
N GLU E 137 -14.73 10.34 -19.78
CA GLU E 137 -15.41 11.61 -19.97
C GLU E 137 -15.42 12.42 -18.67
N GLU E 138 -15.60 11.75 -17.53
CA GLU E 138 -15.52 12.47 -16.26
C GLU E 138 -14.17 13.16 -16.11
N SER E 139 -13.10 12.38 -16.30
CA SER E 139 -11.75 12.95 -16.14
C SER E 139 -11.52 14.08 -17.14
N LEU E 140 -11.95 13.89 -18.39
CA LEU E 140 -11.71 14.90 -19.41
C LEU E 140 -12.52 16.16 -19.16
N ASP E 141 -13.72 16.05 -18.60
CA ASP E 141 -14.49 17.24 -18.26
C ASP E 141 -13.84 17.99 -17.12
N ARG E 142 -13.37 17.27 -16.09
CA ARG E 142 -12.61 17.94 -15.04
C ARG E 142 -11.41 18.67 -15.63
N ALA E 143 -10.71 18.02 -16.56
CA ALA E 143 -9.53 18.64 -17.15
C ALA E 143 -9.90 19.87 -17.96
N ARG E 144 -10.98 19.80 -18.73
CA ARG E 144 -11.45 20.95 -19.49
C ARG E 144 -11.73 22.12 -18.58
N ARG E 145 -12.42 21.86 -17.46
CA ARG E 145 -12.74 22.93 -16.53
C ARG E 145 -11.48 23.56 -15.94
N LEU E 146 -10.58 22.72 -15.42
CA LEU E 146 -9.35 23.24 -14.83
C LEU E 146 -8.53 24.00 -15.86
N LEU E 147 -8.53 23.54 -17.11
CA LEU E 147 -7.81 24.23 -18.16
C LEU E 147 -8.39 25.61 -18.39
N TRP E 148 -9.70 25.69 -18.59
CA TRP E 148 -10.32 26.99 -18.79
C TRP E 148 -9.96 27.93 -17.66
N TRP E 149 -10.03 27.44 -16.41
CA TRP E 149 -9.75 28.31 -15.27
C TRP E 149 -8.31 28.80 -15.30
N HIS E 150 -7.35 27.87 -15.34
CA HIS E 150 -5.95 28.26 -15.29
C HIS E 150 -5.58 29.17 -16.45
N TYR E 151 -6.17 28.94 -17.63
CA TYR E 151 -5.85 29.74 -18.78
C TYR E 151 -6.40 31.16 -18.65
N ASN E 152 -7.66 31.28 -18.26
CA ASN E 152 -8.24 32.61 -18.09
C ASN E 152 -7.54 33.37 -16.98
N CYS E 153 -7.05 32.64 -15.96
CA CYS E 153 -6.26 33.26 -14.91
C CYS E 153 -4.92 33.74 -15.44
N LEU E 154 -4.24 32.92 -16.25
CA LEU E 154 -2.99 33.36 -16.84
C LEU E 154 -3.21 34.61 -17.68
N LEU E 155 -4.36 34.71 -18.34
CA LEU E 155 -4.61 35.86 -19.19
C LEU E 155 -4.85 37.12 -18.36
N TRP E 156 -5.76 37.06 -17.40
CA TRP E 156 -6.23 38.28 -16.76
C TRP E 156 -5.71 38.49 -15.35
N GLY E 157 -5.58 37.43 -14.57
CA GLY E 157 -5.17 37.53 -13.18
C GLY E 157 -6.09 36.73 -12.29
N GLU E 158 -5.51 36.01 -11.34
CA GLU E 158 -6.32 35.18 -10.46
C GLU E 158 -7.32 36.02 -9.68
N ALA E 159 -6.88 37.16 -9.16
CA ALA E 159 -7.75 38.03 -8.37
C ALA E 159 -8.65 38.89 -9.23
N GLN E 160 -8.56 38.79 -10.55
CA GLN E 160 -9.49 39.43 -11.46
C GLN E 160 -10.47 38.46 -12.08
N VAL E 161 -10.15 37.16 -12.06
CA VAL E 161 -11.08 36.14 -12.51
C VAL E 161 -11.89 35.55 -11.36
N THR E 162 -11.34 35.54 -10.15
CA THR E 162 -12.09 35.05 -9.00
C THR E 162 -13.08 36.09 -8.46
N ASN E 163 -13.03 37.32 -8.97
CA ASN E 163 -14.06 38.31 -8.71
C ASN E 163 -15.10 38.34 -9.83
N TYR E 164 -14.91 37.54 -10.87
CA TYR E 164 -15.90 37.32 -11.90
C TYR E 164 -16.62 36.00 -11.71
N ILE E 165 -15.90 34.95 -11.33
CA ILE E 165 -16.54 33.69 -11.00
C ILE E 165 -17.57 33.88 -9.91
N SER E 166 -17.26 34.72 -8.92
CA SER E 166 -18.19 34.91 -7.80
C SER E 166 -19.43 35.67 -8.24
N ARG E 167 -19.25 36.79 -8.93
CA ARG E 167 -20.39 37.52 -9.47
C ARG E 167 -21.26 36.60 -10.32
N LEU E 168 -20.63 35.77 -11.15
CA LEU E 168 -21.38 34.89 -12.02
C LEU E 168 -22.13 33.85 -11.21
N ARG E 169 -21.49 33.24 -10.23
CA ARG E 169 -22.17 32.24 -9.41
C ARG E 169 -23.38 32.85 -8.74
N THR E 170 -23.22 34.00 -8.10
CA THR E 170 -24.34 34.64 -7.44
C THR E 170 -25.46 34.94 -8.43
N TRP E 171 -25.15 35.64 -9.52
CA TRP E 171 -26.20 35.98 -10.48
C TRP E 171 -26.81 34.72 -11.08
N LEU E 172 -26.10 33.61 -11.07
CA LEU E 172 -26.57 32.38 -11.67
C LEU E 172 -27.47 31.60 -10.73
N SER E 173 -27.29 31.76 -9.43
CA SER E 173 -28.15 31.08 -8.47
C SER E 173 -29.46 31.83 -8.28
N THR E 174 -29.39 33.15 -8.18
CA THR E 174 -30.58 33.95 -7.92
C THR E 174 -31.65 33.64 -8.96
N PRO E 175 -32.92 33.93 -8.63
CA PRO E 175 -33.98 33.79 -9.65
C PRO E 175 -33.91 34.94 -10.68
N GLU E 176 -34.61 34.79 -11.79
CA GLU E 176 -34.57 35.76 -12.88
C GLU E 176 -35.04 37.21 -12.62
N LYS E 177 -36.11 37.38 -11.85
CA LYS E 177 -36.69 38.71 -11.62
C LYS E 177 -35.82 39.79 -10.92
N TYR E 178 -35.06 39.43 -9.89
CA TYR E 178 -34.26 40.41 -9.16
C TYR E 178 -32.78 40.49 -9.57
N ARG E 179 -32.41 39.77 -10.63
CA ARG E 179 -31.01 39.70 -11.07
C ARG E 179 -30.72 40.45 -12.37
N GLY E 180 -31.36 41.59 -12.57
CA GLY E 180 -31.21 42.29 -13.83
C GLY E 180 -31.77 41.45 -14.96
N ARG E 181 -31.13 41.54 -16.13
CA ARG E 181 -31.55 40.74 -17.26
C ARG E 181 -30.36 40.06 -17.94
N ASP E 182 -29.18 40.64 -17.81
CA ASP E 182 -28.00 40.18 -18.50
C ASP E 182 -26.92 39.79 -17.50
N ALA E 183 -26.10 38.82 -17.89
CA ALA E 183 -25.11 38.27 -17.00
C ALA E 183 -23.92 39.20 -16.88
N PRO E 184 -23.04 38.95 -15.91
CA PRO E 184 -21.84 39.77 -15.76
C PRO E 184 -20.66 39.20 -16.53
N THR E 185 -19.82 40.11 -17.01
CA THR E 185 -18.65 39.75 -17.78
C THR E 185 -17.44 40.50 -17.24
N ILE E 186 -16.28 40.12 -17.74
CA ILE E 186 -15.03 40.75 -17.30
C ILE E 186 -14.88 42.06 -18.06
N GLU E 187 -15.17 43.17 -17.39
CA GLU E 187 -15.20 44.46 -18.06
C GLU E 187 -13.92 44.77 -18.82
N ALA E 188 -12.83 44.07 -18.50
CA ALA E 188 -11.58 44.28 -19.23
C ALA E 188 -11.65 43.73 -20.64
N ILE E 189 -12.58 42.81 -20.92
CA ILE E 189 -12.79 42.34 -22.28
C ILE E 189 -13.45 43.42 -23.12
N THR E 190 -14.41 44.13 -22.53
CA THR E 190 -15.33 44.97 -23.29
C THR E 190 -15.02 46.45 -23.18
N ARG E 191 -14.09 46.85 -22.33
CA ARG E 191 -13.83 48.27 -22.15
C ARG E 191 -13.10 48.83 -23.37
N PRO E 192 -13.59 49.90 -23.99
CA PRO E 192 -12.85 50.65 -25.01
C PRO E 192 -11.42 50.98 -24.58
N MET F 1 33.82 13.96 -18.48
CA MET F 1 32.42 13.99 -18.97
C MET F 1 32.05 15.43 -19.37
N ASP F 2 32.20 15.79 -20.66
CA ASP F 2 31.87 17.12 -21.15
C ASP F 2 30.40 17.41 -20.85
N ILE F 3 30.11 18.26 -19.84
CA ILE F 3 28.75 18.60 -19.37
C ILE F 3 27.84 18.89 -20.56
N ASN F 4 28.29 19.57 -21.61
CA ASN F 4 27.43 19.82 -22.76
C ASN F 4 27.00 18.52 -23.43
N ALA F 5 27.96 17.62 -23.65
CA ALA F 5 27.63 16.35 -24.28
C ALA F 5 26.75 15.50 -23.40
N SER F 6 27.05 15.50 -22.09
CA SER F 6 26.33 14.75 -21.04
C SER F 6 24.87 15.19 -21.04
N ARG F 7 24.63 16.50 -21.20
CA ARG F 7 23.28 17.04 -21.23
C ARG F 7 22.59 16.70 -22.55
N ALA F 8 23.31 16.81 -23.66
CA ALA F 8 22.70 16.51 -24.95
C ALA F 8 22.33 15.04 -25.05
N LEU F 9 23.05 14.18 -24.35
CA LEU F 9 22.66 12.79 -24.20
C LEU F 9 21.60 12.70 -23.10
N ALA F 10 21.32 11.48 -22.66
CA ALA F 10 20.50 11.25 -21.48
C ALA F 10 19.07 11.74 -21.68
N ASN F 11 18.62 11.82 -22.93
CA ASN F 11 17.22 12.08 -23.21
C ASN F 11 16.42 10.83 -22.90
N VAL F 12 15.36 11.00 -22.10
CA VAL F 12 14.64 9.86 -21.56
C VAL F 12 14.15 8.95 -22.68
N TYR F 13 13.59 9.54 -23.73
CA TYR F 13 13.06 8.74 -24.83
C TYR F 13 14.10 7.82 -25.45
N ASP F 14 15.38 8.07 -25.19
CA ASP F 14 16.45 7.18 -25.65
C ASP F 14 16.71 6.08 -24.62
N LEU F 15 15.67 5.29 -24.37
CA LEU F 15 15.74 4.17 -23.45
C LEU F 15 14.98 2.99 -24.01
N PRO F 16 15.44 1.75 -23.75
CA PRO F 16 14.93 0.60 -24.51
C PRO F 16 13.59 0.08 -24.03
N ASP F 17 12.97 0.76 -23.06
CA ASP F 17 11.65 0.39 -22.56
C ASP F 17 11.68 -0.83 -21.66
N ASP F 18 12.85 -1.47 -21.55
CA ASP F 18 13.03 -2.56 -20.60
C ASP F 18 13.60 -2.08 -19.28
N PHE F 19 14.17 -0.88 -19.25
CA PHE F 19 14.79 -0.36 -18.04
C PHE F 19 13.75 0.12 -17.05
N PHE F 20 12.64 0.65 -17.53
CA PHE F 20 11.62 1.16 -16.64
C PHE F 20 10.92 0.01 -15.91
N PRO F 21 10.68 0.15 -14.61
CA PRO F 21 9.95 -0.90 -13.88
C PRO F 21 8.51 -1.00 -14.33
N LYS F 22 7.78 -1.95 -13.78
CA LYS F 22 6.37 -2.06 -14.10
C LYS F 22 5.62 -0.82 -13.63
N ILE F 23 4.54 -0.50 -14.36
CA ILE F 23 3.78 0.70 -14.05
C ILE F 23 3.28 0.66 -12.61
N ASP F 24 2.90 -0.52 -12.14
CA ASP F 24 2.29 -0.64 -10.82
C ASP F 24 3.24 -0.14 -9.74
N ASP F 25 4.37 -0.83 -9.56
CA ASP F 25 5.31 -0.43 -8.53
C ASP F 25 5.94 0.91 -8.82
N LEU F 26 6.03 1.30 -10.10
CA LEU F 26 6.52 2.63 -10.42
C LEU F 26 5.66 3.70 -9.76
N VAL F 27 4.36 3.71 -10.08
CA VAL F 27 3.47 4.71 -9.50
C VAL F 27 3.39 4.54 -8.00
N ARG F 28 3.48 3.30 -7.51
CA ARG F 28 3.42 3.05 -6.08
C ARG F 28 4.55 3.78 -5.35
N ASP F 29 5.78 3.56 -5.79
CA ASP F 29 6.91 4.22 -5.15
C ASP F 29 6.87 5.73 -5.38
N ALA F 30 6.39 6.17 -6.55
CA ALA F 30 6.28 7.61 -6.78
C ALA F 30 5.38 8.25 -5.74
N LYS F 31 4.21 7.66 -5.52
CA LYS F 31 3.30 8.19 -4.51
C LYS F 31 3.91 8.12 -3.12
N ASP F 32 4.47 6.95 -2.77
CA ASP F 32 5.02 6.77 -1.44
C ASP F 32 6.19 7.69 -1.16
N ALA F 33 6.84 8.21 -2.20
CA ALA F 33 7.99 9.08 -2.01
C ALA F 33 7.67 10.56 -2.19
N LEU F 34 6.59 10.91 -2.89
CA LEU F 34 6.18 12.30 -3.03
C LEU F 34 5.04 12.68 -2.10
N GLU F 35 4.50 11.73 -1.34
CA GLU F 35 3.49 12.08 -0.34
C GLU F 35 3.95 13.16 0.63
N PRO F 36 5.20 13.20 1.07
CA PRO F 36 5.61 14.28 1.98
C PRO F 36 5.35 15.66 1.41
N TYR F 37 5.77 15.90 0.16
CA TYR F 37 5.52 17.19 -0.45
C TYR F 37 4.04 17.45 -0.61
N TRP F 38 3.25 16.41 -0.91
CA TRP F 38 1.81 16.57 -0.98
C TRP F 38 1.25 17.09 0.34
N LYS F 39 1.52 16.38 1.43
CA LYS F 39 0.95 16.78 2.72
C LYS F 39 1.47 18.13 3.16
N SER F 40 2.72 18.46 2.84
CA SER F 40 3.27 19.78 3.16
C SER F 40 2.81 20.84 2.18
N ASP F 41 2.04 20.47 1.15
CA ASP F 41 1.49 21.44 0.20
C ASP F 41 2.61 22.19 -0.51
N SER F 42 3.43 21.42 -1.23
CA SER F 42 4.52 22.00 -1.98
C SER F 42 4.03 22.53 -3.32
N ILE F 43 4.85 23.37 -3.94
CA ILE F 43 4.59 23.94 -5.25
C ILE F 43 5.69 23.61 -6.24
N LYS F 44 6.66 22.79 -5.84
CA LYS F 44 7.82 22.54 -6.66
C LYS F 44 7.42 21.98 -8.03
N LYS F 45 8.20 22.37 -9.04
CA LYS F 45 7.89 21.99 -10.41
C LYS F 45 7.77 20.49 -10.55
N HIS F 46 8.85 19.76 -10.25
CA HIS F 46 8.86 18.33 -10.44
C HIS F 46 7.71 17.67 -9.68
N VAL F 47 7.37 18.21 -8.51
CA VAL F 47 6.25 17.66 -7.74
C VAL F 47 4.96 17.81 -8.52
N LEU F 48 4.70 19.01 -9.04
CA LEU F 48 3.50 19.22 -9.85
C LEU F 48 3.46 18.26 -11.02
N ILE F 49 4.60 18.07 -11.69
CA ILE F 49 4.62 17.27 -12.91
C ILE F 49 4.31 15.82 -12.57
N ALA F 50 4.99 15.30 -11.53
CA ALA F 50 4.73 13.92 -11.10
C ALA F 50 3.28 13.73 -10.70
N THR F 51 2.70 14.72 -10.01
CA THR F 51 1.30 14.59 -9.60
C THR F 51 0.39 14.50 -10.81
N HIS F 52 0.58 15.41 -11.77
CA HIS F 52 -0.27 15.40 -12.95
C HIS F 52 -0.16 14.08 -13.71
N PHE F 53 1.06 13.61 -13.93
CA PHE F 53 1.23 12.38 -14.68
C PHE F 53 0.71 11.17 -13.92
N VAL F 54 0.83 11.19 -12.59
CA VAL F 54 0.29 10.10 -11.78
C VAL F 54 -1.22 10.05 -11.92
N ASP F 55 -1.89 11.20 -11.83
CA ASP F 55 -3.33 11.20 -12.01
C ASP F 55 -3.72 10.72 -13.40
N LEU F 56 -3.01 11.21 -14.42
CA LEU F 56 -3.27 10.79 -15.79
C LEU F 56 -3.22 9.27 -15.92
N ILE F 57 -2.10 8.68 -15.49
CA ILE F 57 -1.95 7.23 -15.57
C ILE F 57 -3.05 6.54 -14.79
N GLU F 58 -3.15 6.83 -13.50
CA GLU F 58 -4.15 6.20 -12.64
C GLU F 58 -5.55 6.32 -13.21
N ASP F 59 -5.80 7.29 -14.10
CA ASP F 59 -7.13 7.44 -14.67
C ASP F 59 -7.31 6.68 -15.99
N PHE F 60 -6.27 6.59 -16.82
CA PHE F 60 -6.46 6.11 -18.18
C PHE F 60 -5.80 4.78 -18.51
N TRP F 61 -4.80 4.35 -17.74
CA TRP F 61 -4.14 3.08 -18.04
C TRP F 61 -5.12 1.92 -17.95
N GLN F 62 -5.97 1.93 -16.92
CA GLN F 62 -6.97 0.87 -16.77
C GLN F 62 -7.82 0.75 -18.02
N THR F 63 -8.34 1.88 -18.50
CA THR F 63 -9.24 1.85 -19.65
C THR F 63 -8.51 1.44 -20.92
N THR F 64 -7.24 1.83 -21.08
CA THR F 64 -6.51 1.41 -22.26
C THR F 64 -6.30 -0.11 -22.26
N GLN F 65 -5.89 -0.67 -21.13
CA GLN F 65 -5.73 -2.12 -21.06
C GLN F 65 -7.07 -2.82 -21.28
N GLY F 66 -8.14 -2.27 -20.73
CA GLY F 66 -9.45 -2.83 -20.97
C GLY F 66 -9.83 -2.81 -22.45
N MET F 67 -9.43 -1.74 -23.14
CA MET F 67 -9.73 -1.66 -24.57
C MET F 67 -8.92 -2.70 -25.35
N HIS F 68 -7.68 -2.94 -24.94
CA HIS F 68 -6.91 -4.03 -25.55
C HIS F 68 -7.61 -5.36 -25.37
N GLU F 69 -8.03 -5.65 -24.13
CA GLU F 69 -8.70 -6.92 -23.85
C GLU F 69 -10.02 -7.02 -24.61
N ILE F 70 -10.71 -5.90 -24.81
CA ILE F 70 -11.95 -5.93 -25.58
C ILE F 70 -11.66 -6.22 -27.03
N ALA F 71 -10.61 -5.61 -27.58
CA ALA F 71 -10.20 -5.94 -28.94
C ALA F 71 -9.93 -7.44 -29.08
N GLU F 72 -9.27 -8.02 -28.08
CA GLU F 72 -9.00 -9.45 -28.12
C GLU F 72 -10.29 -10.27 -28.09
N SER F 73 -11.15 -9.99 -27.11
CA SER F 73 -12.41 -10.72 -27.00
C SER F 73 -13.26 -10.57 -28.25
N LEU F 74 -13.13 -9.45 -28.95
CA LEU F 74 -13.92 -9.23 -30.15
C LEU F 74 -13.33 -9.97 -31.35
N ARG F 75 -12.01 -9.94 -31.49
CA ARG F 75 -11.35 -10.78 -32.49
C ARG F 75 -11.71 -12.24 -32.28
N ALA F 76 -11.95 -12.64 -31.03
CA ALA F 76 -12.42 -13.99 -30.77
C ALA F 76 -13.80 -14.25 -31.35
N VAL F 77 -14.53 -13.20 -31.72
CA VAL F 77 -15.89 -13.34 -32.24
C VAL F 77 -15.98 -13.07 -33.74
N ILE F 78 -15.10 -12.24 -34.29
CA ILE F 78 -15.22 -11.81 -35.67
C ILE F 78 -15.25 -13.02 -36.59
N PRO F 79 -15.81 -12.91 -37.79
CA PRO F 79 -15.73 -14.00 -38.76
C PRO F 79 -14.29 -14.43 -38.96
N PRO F 80 -13.94 -15.66 -38.58
CA PRO F 80 -12.53 -16.08 -38.62
C PRO F 80 -12.04 -16.24 -40.06
N THR F 81 -10.96 -15.52 -40.38
CA THR F 81 -10.32 -15.59 -41.69
C THR F 81 -11.27 -15.23 -42.82
N THR F 82 -12.38 -14.57 -42.51
CA THR F 82 -13.31 -14.09 -43.50
C THR F 82 -13.22 -12.58 -43.68
N THR F 83 -12.24 -11.94 -43.04
CA THR F 83 -12.09 -10.48 -43.09
C THR F 83 -10.62 -10.15 -42.98
N PRO F 84 -9.95 -9.83 -44.10
CA PRO F 84 -8.53 -9.44 -44.01
C PRO F 84 -8.38 -8.13 -43.25
N VAL F 85 -7.54 -8.15 -42.22
CA VAL F 85 -7.32 -6.97 -41.39
C VAL F 85 -6.57 -5.92 -42.21
N PRO F 86 -7.07 -4.68 -42.30
CA PRO F 86 -6.38 -3.66 -43.07
C PRO F 86 -5.35 -2.93 -42.23
N PRO F 87 -4.08 -2.95 -42.63
CA PRO F 87 -3.08 -2.09 -42.00
C PRO F 87 -2.89 -0.78 -42.75
N GLY F 88 -2.34 0.20 -42.04
CA GLY F 88 -2.00 1.47 -42.65
C GLY F 88 -3.18 2.36 -42.93
N TYR F 89 -4.23 1.81 -43.53
CA TYR F 89 -5.44 2.60 -43.79
C TYR F 89 -5.93 3.28 -42.52
N LEU F 90 -5.72 2.65 -41.36
CA LEU F 90 -6.08 3.26 -40.11
C LEU F 90 -5.02 4.29 -39.69
N ILE F 91 -5.46 5.28 -38.95
CA ILE F 91 -4.65 6.46 -38.64
C ILE F 91 -3.98 6.29 -37.29
N GLN F 92 -2.69 6.59 -37.24
CA GLN F 92 -1.92 6.54 -36.01
C GLN F 92 -1.89 7.92 -35.35
N HIS F 93 -1.04 8.09 -34.35
CA HIS F 93 -1.05 9.30 -33.54
C HIS F 93 -0.78 10.55 -34.36
N GLU F 94 0.02 10.43 -35.42
CA GLU F 94 0.47 11.63 -36.13
C GLU F 94 -0.70 12.36 -36.77
N GLU F 95 -1.55 11.65 -37.51
CA GLU F 95 -2.68 12.28 -38.20
C GLU F 95 -3.81 12.64 -37.25
N ALA F 96 -3.64 12.46 -35.95
CA ALA F 96 -4.73 12.77 -35.02
C ALA F 96 -4.90 14.27 -34.83
N GLU F 97 -3.79 15.01 -34.73
CA GLU F 97 -3.88 16.44 -34.50
C GLU F 97 -4.64 17.14 -35.63
N GLU F 98 -4.42 16.72 -36.87
CA GLU F 98 -5.11 17.34 -37.99
C GLU F 98 -6.61 17.17 -37.86
N ILE F 99 -7.06 16.00 -37.43
CA ILE F 99 -8.50 15.76 -37.28
C ILE F 99 -9.03 16.60 -36.13
N PRO F 100 -10.16 17.29 -36.29
CA PRO F 100 -10.73 18.02 -35.16
C PRO F 100 -11.00 17.10 -33.99
N LEU F 101 -11.16 17.69 -32.81
CA LEU F 101 -11.53 16.92 -31.64
C LEU F 101 -12.97 16.46 -31.77
N GLY F 102 -13.21 15.19 -31.49
CA GLY F 102 -14.44 14.55 -31.89
C GLY F 102 -14.41 14.19 -33.37
N ASP F 103 -15.48 13.55 -33.81
CA ASP F 103 -15.64 13.15 -35.22
C ASP F 103 -14.38 12.46 -35.76
N LEU F 104 -13.64 11.76 -34.88
CA LEU F 104 -12.56 10.92 -35.34
C LEU F 104 -13.07 9.60 -35.87
N PHE F 105 -14.05 9.00 -35.20
CA PHE F 105 -14.65 7.77 -35.69
C PHE F 105 -15.22 7.96 -37.08
N LYS F 106 -15.73 9.17 -37.36
CA LYS F 106 -16.22 9.47 -38.70
C LYS F 106 -15.15 9.20 -39.74
N HIS F 107 -14.00 9.87 -39.62
CA HIS F 107 -12.92 9.70 -40.58
C HIS F 107 -12.44 8.24 -40.60
N GLN F 108 -12.35 7.63 -39.42
CA GLN F 108 -11.82 6.27 -39.35
C GLN F 108 -12.69 5.31 -40.13
N GLU F 109 -14.00 5.32 -39.88
CA GLU F 109 -14.90 4.43 -40.60
C GLU F 109 -15.01 4.82 -42.06
N GLU F 110 -14.84 6.11 -42.37
CA GLU F 110 -14.81 6.51 -43.78
C GLU F 110 -13.66 5.83 -44.50
N ARG F 111 -12.49 5.79 -43.88
CA ARG F 111 -11.35 5.12 -44.50
C ARG F 111 -11.57 3.61 -44.57
N ILE F 112 -12.11 3.03 -43.50
CA ILE F 112 -12.40 1.60 -43.49
C ILE F 112 -13.35 1.25 -44.63
N VAL F 113 -14.34 2.11 -44.90
CA VAL F 113 -15.29 1.84 -45.98
C VAL F 113 -14.63 2.04 -47.33
N SER F 114 -13.79 3.07 -47.46
CA SER F 114 -13.04 3.25 -48.69
C SER F 114 -12.18 2.02 -48.98
N PHE F 115 -11.79 1.29 -47.94
CA PHE F 115 -11.01 0.08 -48.14
C PHE F 115 -11.90 -1.11 -48.50
N GLN F 116 -12.95 -1.33 -47.71
CA GLN F 116 -13.82 -2.50 -47.89
C GLN F 116 -15.24 -2.07 -47.55
N PRO F 117 -16.07 -1.78 -48.57
CA PRO F 117 -17.44 -1.36 -48.26
C PRO F 117 -18.24 -2.42 -47.52
N ASP F 118 -18.01 -3.70 -47.82
CA ASP F 118 -18.73 -4.80 -47.20
C ASP F 118 -18.08 -5.25 -45.90
N TYR F 119 -17.27 -4.39 -45.28
CA TYR F 119 -16.55 -4.76 -44.07
C TYR F 119 -17.53 -5.03 -42.94
N PRO F 120 -17.54 -6.24 -42.35
CA PRO F 120 -18.48 -6.51 -41.28
C PRO F 120 -18.36 -5.52 -40.12
N ILE F 121 -19.52 -5.19 -39.54
CA ILE F 121 -19.58 -4.24 -38.44
C ILE F 121 -18.62 -4.65 -37.33
N THR F 122 -18.47 -5.94 -37.07
CA THR F 122 -17.71 -6.38 -35.91
C THR F 122 -16.22 -6.14 -36.12
N ALA F 123 -15.70 -6.54 -37.29
CA ALA F 123 -14.31 -6.25 -37.60
C ALA F 123 -14.07 -4.75 -37.65
N ARG F 124 -15.08 -3.99 -38.11
CA ARG F 124 -14.98 -2.53 -38.07
C ARG F 124 -14.76 -2.04 -36.65
N ILE F 125 -15.56 -2.54 -35.71
CA ILE F 125 -15.41 -2.20 -34.30
C ILE F 125 -14.00 -2.54 -33.83
N HIS F 126 -13.52 -3.73 -34.22
CA HIS F 126 -12.20 -4.16 -33.77
C HIS F 126 -11.12 -3.22 -34.26
N ALA F 127 -11.20 -2.81 -35.52
CA ALA F 127 -10.20 -1.89 -36.07
C ALA F 127 -10.24 -0.57 -35.32
N HIS F 128 -11.44 0.01 -35.16
CA HIS F 128 -11.55 1.26 -34.41
C HIS F 128 -10.90 1.14 -33.04
N LEU F 129 -11.19 0.04 -32.35
CA LEU F 129 -10.70 -0.12 -30.97
C LEU F 129 -9.19 -0.27 -30.94
N LYS F 130 -8.63 -1.07 -31.85
CA LYS F 130 -7.19 -1.24 -31.87
C LYS F 130 -6.49 0.09 -32.16
N ALA F 131 -7.02 0.85 -33.11
CA ALA F 131 -6.41 2.15 -33.41
C ALA F 131 -6.43 3.05 -32.19
N TYR F 132 -7.60 3.19 -31.56
CA TYR F 132 -7.70 4.07 -30.40
C TYR F 132 -6.78 3.61 -29.28
N ALA F 133 -6.68 2.29 -29.08
CA ALA F 133 -5.82 1.77 -28.02
C ALA F 133 -4.36 2.09 -28.29
N LYS F 134 -3.93 1.99 -29.55
CA LYS F 134 -2.57 2.38 -29.88
C LYS F 134 -2.34 3.85 -29.62
N ILE F 135 -3.30 4.69 -30.01
CA ILE F 135 -3.17 6.13 -29.79
C ILE F 135 -2.97 6.41 -28.31
N ASN F 136 -3.75 5.76 -27.45
CA ASN F 136 -3.60 5.99 -26.02
C ASN F 136 -2.32 5.39 -25.47
N GLU F 137 -1.89 4.24 -26.00
CA GLU F 137 -0.73 3.55 -25.45
C GLU F 137 0.54 4.34 -25.71
N GLU F 138 0.65 4.96 -26.88
CA GLU F 138 1.82 5.79 -27.14
C GLU F 138 1.97 6.89 -26.10
N SER F 139 0.88 7.63 -25.86
CA SER F 139 0.93 8.72 -24.89
C SER F 139 1.16 8.20 -23.49
N LEU F 140 0.62 7.03 -23.16
CA LEU F 140 0.85 6.49 -21.82
C LEU F 140 2.30 6.06 -21.63
N ASP F 141 2.94 5.54 -22.67
CA ASP F 141 4.37 5.27 -22.61
C ASP F 141 5.14 6.55 -22.37
N ARG F 142 4.80 7.60 -23.12
CA ARG F 142 5.45 8.90 -22.88
C ARG F 142 5.27 9.35 -21.44
N ALA F 143 4.06 9.23 -20.91
CA ALA F 143 3.79 9.69 -19.56
C ALA F 143 4.55 8.87 -18.53
N ARG F 144 4.64 7.56 -18.74
CA ARG F 144 5.43 6.71 -17.86
C ARG F 144 6.88 7.17 -17.84
N ARG F 145 7.45 7.40 -19.01
CA ARG F 145 8.83 7.86 -19.09
C ARG F 145 9.02 9.16 -18.33
N LEU F 146 8.16 10.15 -18.61
CA LEU F 146 8.31 11.44 -17.96
C LEU F 146 8.09 11.35 -16.46
N LEU F 147 7.21 10.44 -16.01
CA LEU F 147 6.98 10.28 -14.59
C LEU F 147 8.22 9.72 -13.91
N TRP F 148 8.78 8.64 -14.46
CA TRP F 148 10.03 8.12 -13.90
C TRP F 148 11.09 9.21 -13.85
N TRP F 149 11.20 9.99 -14.92
CA TRP F 149 12.23 11.02 -14.98
C TRP F 149 12.03 12.05 -13.89
N HIS F 150 10.85 12.67 -13.85
CA HIS F 150 10.62 13.73 -12.88
C HIS F 150 10.68 13.21 -11.45
N TYR F 151 10.34 11.94 -11.24
CA TYR F 151 10.43 11.36 -9.90
C TYR F 151 11.88 11.20 -9.47
N ASN F 152 12.68 10.52 -10.29
CA ASN F 152 14.09 10.37 -9.95
C ASN F 152 14.77 11.73 -9.84
N CYS F 153 14.27 12.73 -10.56
CA CYS F 153 14.83 14.07 -10.45
C CYS F 153 14.46 14.69 -9.11
N LEU F 154 13.19 14.63 -8.74
CA LEU F 154 12.77 15.09 -7.43
C LEU F 154 13.63 14.46 -6.34
N LEU F 155 14.03 13.20 -6.56
CA LEU F 155 14.81 12.51 -5.54
C LEU F 155 16.27 12.98 -5.52
N TRP F 156 16.95 12.92 -6.67
CA TRP F 156 18.41 12.99 -6.69
C TRP F 156 18.96 14.13 -7.54
N GLY F 157 18.14 15.07 -7.96
CA GLY F 157 18.63 16.20 -8.73
C GLY F 157 18.79 15.94 -10.21
N GLU F 158 18.44 16.85 -11.17
CA GLU F 158 18.52 16.68 -12.64
C GLU F 158 19.99 16.61 -13.07
N ALA F 159 20.87 17.32 -12.35
CA ALA F 159 22.33 17.38 -12.63
C ALA F 159 22.96 15.99 -12.46
N GLN F 160 22.45 15.21 -11.50
CA GLN F 160 22.95 13.83 -11.18
C GLN F 160 22.18 12.79 -12.01
N VAL F 161 20.88 12.99 -12.23
CA VAL F 161 20.01 12.05 -12.99
C VAL F 161 20.46 12.02 -14.46
N THR F 162 20.73 13.19 -15.05
CA THR F 162 21.17 13.35 -16.47
C THR F 162 22.62 12.87 -16.59
N ASN F 163 23.40 12.94 -15.50
CA ASN F 163 24.81 12.49 -15.46
C ASN F 163 24.86 10.97 -15.33
N TYR F 164 23.81 10.37 -14.73
CA TYR F 164 23.67 8.91 -14.51
C TYR F 164 23.24 8.22 -15.81
N ILE F 165 22.13 8.69 -16.41
CA ILE F 165 21.56 8.11 -17.66
C ILE F 165 22.60 8.20 -18.78
N SER F 166 23.31 9.33 -18.86
CA SER F 166 24.38 9.57 -19.88
C SER F 166 25.40 8.44 -19.80
N ARG F 167 25.86 8.13 -18.58
CA ARG F 167 26.86 7.05 -18.31
C ARG F 167 26.25 5.69 -18.65
N LEU F 168 24.97 5.50 -18.34
CA LEU F 168 24.23 4.27 -18.61
C LEU F 168 24.20 3.97 -20.10
N ARG F 169 23.91 5.00 -20.91
CA ARG F 169 23.82 4.79 -22.35
C ARG F 169 25.18 4.43 -22.95
N THR F 170 26.20 5.23 -22.64
CA THR F 170 27.52 4.93 -23.18
C THR F 170 28.10 3.65 -22.60
N TRP F 171 27.48 3.11 -21.57
CA TRP F 171 27.83 1.78 -21.06
C TRP F 171 27.15 0.71 -21.89
N LEU F 172 25.85 0.86 -22.13
CA LEU F 172 25.13 -0.07 -22.99
C LEU F 172 25.76 -0.14 -24.36
N SER F 173 26.31 0.95 -24.85
CA SER F 173 27.00 0.96 -26.14
C SER F 173 28.43 0.50 -26.04
N THR F 174 28.78 -0.17 -24.94
CA THR F 174 30.09 -0.75 -24.77
C THR F 174 29.95 -2.27 -24.67
N PRO F 175 30.76 -3.04 -25.38
CA PRO F 175 30.49 -4.47 -25.49
C PRO F 175 30.48 -5.18 -24.14
N GLU F 176 29.57 -6.15 -24.02
CA GLU F 176 29.34 -6.84 -22.76
C GLU F 176 30.61 -7.44 -22.18
N LYS F 177 31.63 -7.66 -23.01
CA LYS F 177 32.86 -8.26 -22.51
C LYS F 177 33.74 -7.23 -21.82
N TYR F 178 33.78 -6.01 -22.33
CA TYR F 178 34.64 -4.96 -21.81
C TYR F 178 33.89 -3.94 -20.98
N ARG F 179 32.60 -4.15 -20.72
CA ARG F 179 31.87 -3.26 -19.83
C ARG F 179 32.53 -3.19 -18.46
N GLY F 180 32.88 -4.36 -17.93
CA GLY F 180 33.50 -4.55 -16.61
C GLY F 180 32.69 -5.52 -15.76
N ARG F 181 32.79 -5.41 -14.44
CA ARG F 181 32.06 -6.28 -13.47
C ARG F 181 31.18 -5.39 -12.58
N ASP F 182 30.66 -4.29 -13.13
CA ASP F 182 29.79 -3.32 -12.41
C ASP F 182 28.91 -2.60 -13.43
N ALA F 183 27.88 -1.89 -12.94
CA ALA F 183 26.94 -1.13 -13.73
C ALA F 183 26.87 0.28 -13.16
N PRO F 184 26.79 1.30 -14.01
CA PRO F 184 26.69 2.67 -13.50
C PRO F 184 25.37 2.87 -12.76
N THR F 185 25.46 3.35 -11.54
CA THR F 185 24.30 3.58 -10.70
C THR F 185 24.26 5.04 -10.27
N ILE F 186 23.33 5.34 -9.37
CA ILE F 186 23.16 6.66 -8.79
C ILE F 186 23.36 6.54 -7.29
N GLU F 187 24.34 7.25 -6.75
CA GLU F 187 24.68 7.10 -5.35
C GLU F 187 23.57 7.66 -4.46
N ALA F 188 23.22 6.90 -3.44
CA ALA F 188 22.24 7.29 -2.43
C ALA F 188 22.97 7.24 -1.09
N ILE F 189 23.65 8.32 -0.75
CA ILE F 189 24.51 8.37 0.42
C ILE F 189 23.75 8.97 1.58
N THR F 190 24.14 8.59 2.80
CA THR F 190 23.60 9.19 4.01
C THR F 190 24.73 9.17 5.04
N ARG F 191 25.47 10.27 5.13
CA ARG F 191 26.56 10.35 6.09
C ARG F 191 26.02 10.65 7.48
N PRO F 192 26.73 10.24 8.53
CA PRO F 192 26.23 10.43 9.89
C PRO F 192 26.39 11.88 10.34
N ILE F 193 25.88 12.14 11.54
CA ILE F 193 25.98 13.47 12.15
C ILE F 193 27.21 13.51 13.05
#